data_6CUP
#
_entry.id   6CUP
#
_cell.length_a   184.654
_cell.length_b   184.654
_cell.length_c   179.351
_cell.angle_alpha   90.00
_cell.angle_beta   90.00
_cell.angle_gamma   90.00
#
_symmetry.space_group_name_H-M   'I 4 2 2'
#
loop_
_entity.id
_entity.type
_entity.pdbx_description
1 polymer 'GTPase HRas'
2 polymer 'Son of sevenless homolog 1'
3 polymer 'GTPase HRas'
4 non-polymer 'PHOSPHOAMINOPHOSPHONIC ACID-GUANYLATE ESTER'
5 non-polymer 'MAGNESIUM ION'
6 non-polymer N~2~-(3-chloro-4-fluorophenyl)-N~4~-[(1R)-1-cyclopropylethyl]quinazoline-2,4-diamine
7 non-polymer 'FORMIC ACID'
8 non-polymer GLYCEROL
9 non-polymer 'SODIUM ION'
10 water water
#
loop_
_entity_poly.entity_id
_entity_poly.type
_entity_poly.pdbx_seq_one_letter_code
_entity_poly.pdbx_strand_id
1 'polypeptide(L)'
;GMTEYKLVVVGAGGVGKSALTIQLIQNHFVDEYDPTIEDSYRKQVVIDGET(CSO)LLDILDTAGQEEASAMRDQYMRTG
EGFLCVFAINNTKSFEDIHQYREQIKRVKDSDDVPMVLVGNKCDLAARTVESRQAQDLARSYGIPYIETSAKTRQGVEDA
FYTLVREIRQH
;
A
2 'polypeptide(L)'
;GQMRLPSADVYRFAEPDSEENIIFEENMQPKAGIPIIKAGTVIKLIERLTYHMYADPNFVRTFLTTYRSFCKPQELLSLI
IERFEIPEPEPTEADRIAIENGDQPLSAELKRFRKEYIQPVQLRVLNVCRHWVEHHFYDFERDAYLLQRMEEFIGTVRGK
AMKKWVESITKIIQRKKIARDNGPGHNITFQSSPPTVEWHISRPGHIETFDLLTLHPIEIARQLTLLESDLYRAVQPSEL
VGSVWTKEDKEINSPNLLKMIRHTTNLTLWFEKCIVETENLEERVAVVSRIIEILQVFQELNNFNGVLEVVSAMNSSPVY
RLDHTFEQIPSRQKKILEEAHELSEDHYKKYLAKLRSINPPCVPFFGIYLTNILKTEEGNPEVLKRHGKELINFSKRRKV
AEITGEIQQYQNQPYCLRVESDIKRFFENLNPMGNSMEKEFTDYLFNKSLEIEPRNPKPLPRFPKKYSYPLKSPGVRPSN
PR
;
B
3 'polypeptide(L)'
;GMTEYKLVVVGAGGVGKSALTIQLIQNHFVDEYDPTIEDSYRKQVVIDGETCLLDILDTAGQEEYSAMRDQYMRTGEGFL
CVFAINNTKSFEDIHQYREQIKRVKDSDDVPMVLVGNKCDLAARTVESRQAQDLARSYGIPYIETSAKTRQGVEDAFYTL
VREIRQH
;
C
#
# COMPACT_ATOMS: atom_id res chain seq x y z
N MET A 2 8.17 15.93 2.42
CA MET A 2 6.76 15.90 2.80
C MET A 2 6.56 16.18 4.29
N THR A 3 5.94 17.31 4.59
CA THR A 3 5.58 17.66 5.95
C THR A 3 4.32 16.91 6.34
N GLU A 4 4.30 16.39 7.57
CA GLU A 4 3.14 15.68 8.08
C GLU A 4 2.34 16.59 9.02
N TYR A 5 1.02 16.61 8.86
CA TYR A 5 0.13 17.44 9.67
C TYR A 5 -0.91 16.56 10.36
N LYS A 6 -1.07 16.74 11.67
CA LYS A 6 -2.03 15.95 12.45
C LYS A 6 -3.29 16.78 12.68
N LEU A 7 -4.36 16.48 11.93
CA LEU A 7 -5.63 17.18 12.04
C LEU A 7 -6.61 16.33 12.83
N VAL A 8 -7.45 16.99 13.63
CA VAL A 8 -8.46 16.32 14.43
C VAL A 8 -9.80 16.99 14.16
N VAL A 9 -10.84 16.19 13.95
CA VAL A 9 -12.19 16.68 13.65
C VAL A 9 -13.06 16.43 14.86
N VAL A 10 -13.62 17.49 15.46
CA VAL A 10 -14.38 17.39 16.70
C VAL A 10 -15.73 18.10 16.54
N GLY A 11 -16.66 17.75 17.41
CA GLY A 11 -17.99 18.35 17.38
C GLY A 11 -19.03 17.36 17.87
N ALA A 12 -20.25 17.87 18.07
CA ALA A 12 -21.33 17.09 18.64
C ALA A 12 -21.71 15.90 17.74
N GLY A 13 -22.37 14.92 18.35
CA GLY A 13 -22.82 13.77 17.60
C GLY A 13 -23.73 14.12 16.44
N GLY A 14 -23.46 13.56 15.27
CA GLY A 14 -24.34 13.68 14.12
C GLY A 14 -24.18 14.93 13.28
N VAL A 15 -23.19 15.78 13.57
CA VAL A 15 -23.06 17.01 12.80
C VAL A 15 -22.43 16.77 11.43
N GLY A 16 -21.80 15.60 11.21
CA GLY A 16 -21.22 15.27 9.91
C GLY A 16 -19.70 15.22 9.90
N LYS A 17 -19.06 14.96 11.04
CA LYS A 17 -17.60 14.88 11.07
C LYS A 17 -17.10 13.76 10.15
N SER A 18 -17.71 12.58 10.26
CA SER A 18 -17.27 11.46 9.44
C SER A 18 -17.60 11.68 7.98
N ALA A 19 -18.80 12.18 7.68
CA ALA A 19 -19.14 12.45 6.28
C ALA A 19 -18.20 13.46 5.65
N LEU A 20 -17.84 14.51 6.39
CA LEU A 20 -16.87 15.48 5.87
C LEU A 20 -15.53 14.81 5.59
N THR A 21 -15.07 13.96 6.51
CA THR A 21 -13.76 13.34 6.35
C THR A 21 -13.75 12.36 5.17
N ILE A 22 -14.79 11.54 5.05
CA ILE A 22 -14.86 10.56 3.96
C ILE A 22 -15.04 11.23 2.61
N GLN A 23 -15.79 12.34 2.56
CA GLN A 23 -15.85 13.14 1.34
C GLN A 23 -14.46 13.64 0.94
N LEU A 24 -13.69 14.18 1.90
CA LEU A 24 -12.33 14.61 1.59
C LEU A 24 -11.48 13.45 1.10
N ILE A 25 -11.58 12.28 1.75
CA ILE A 25 -10.66 11.19 1.49
C ILE A 25 -11.03 10.44 0.21
N GLN A 26 -12.33 10.13 0.04
CA GLN A 26 -12.79 9.22 -1.00
C GLN A 26 -13.70 9.87 -2.05
N ASN A 27 -14.05 11.15 -1.89
CA ASN A 27 -14.99 11.81 -2.80
C ASN A 27 -16.36 11.13 -2.81
N HIS A 28 -16.79 10.63 -1.65
CA HIS A 28 -18.03 9.86 -1.51
C HIS A 28 -18.82 10.39 -0.32
N PHE A 29 -20.14 10.53 -0.47
CA PHE A 29 -21.00 10.98 0.62
C PHE A 29 -21.65 9.78 1.33
N VAL A 30 -21.44 9.68 2.64
CA VAL A 30 -22.00 8.60 3.45
C VAL A 30 -23.38 9.01 3.95
N ASP A 31 -24.41 8.24 3.56
CA ASP A 31 -25.79 8.51 3.97
C ASP A 31 -26.10 7.95 5.36
N GLU A 32 -25.48 6.83 5.73
CA GLU A 32 -25.71 6.22 7.02
C GLU A 32 -25.14 7.09 8.14
N TYR A 33 -25.74 6.94 9.32
CA TYR A 33 -25.30 7.58 10.56
C TYR A 33 -24.82 6.43 11.46
N ASP A 34 -23.52 6.10 11.34
CA ASP A 34 -22.85 5.10 12.17
C ASP A 34 -21.97 5.83 13.16
N PRO A 35 -22.36 5.95 14.43
CA PRO A 35 -21.57 6.76 15.37
C PRO A 35 -20.14 6.26 15.52
N THR A 36 -19.20 7.19 15.41
CA THR A 36 -17.78 6.90 15.45
C THR A 36 -17.31 6.68 16.89
N ILE A 37 -16.31 5.81 17.04
CA ILE A 37 -15.58 5.69 18.31
C ILE A 37 -14.26 6.42 18.11
N GLU A 38 -13.42 5.93 17.21
CA GLU A 38 -12.28 6.73 16.71
C GLU A 38 -11.75 6.09 15.44
N ASP A 39 -11.61 6.90 14.39
CA ASP A 39 -11.09 6.45 13.09
C ASP A 39 -9.95 7.38 12.68
N SER A 40 -9.07 6.88 11.83
CA SER A 40 -8.00 7.72 11.32
C SER A 40 -7.81 7.45 9.83
N TYR A 41 -7.37 8.51 9.13
CA TYR A 41 -7.20 8.49 7.69
C TYR A 41 -5.91 9.21 7.33
N ARG A 42 -5.34 8.88 6.17
CA ARG A 42 -4.19 9.62 5.65
C ARG A 42 -4.46 10.09 4.23
N LYS A 43 -3.89 11.25 3.89
CA LYS A 43 -4.09 11.84 2.56
C LYS A 43 -2.85 12.61 2.15
N GLN A 44 -2.22 12.19 1.06
CA GLN A 44 -1.17 12.98 0.43
C GLN A 44 -1.81 14.00 -0.50
N VAL A 45 -1.41 15.27 -0.39
CA VAL A 45 -2.04 16.31 -1.19
C VAL A 45 -1.09 17.51 -1.28
N VAL A 46 -1.11 18.18 -2.42
CA VAL A 46 -0.30 19.38 -2.61
C VAL A 46 -1.14 20.59 -2.24
N ILE A 47 -0.65 21.40 -1.29
CA ILE A 47 -1.36 22.58 -0.83
C ILE A 47 -0.39 23.76 -0.96
N ASP A 48 -0.81 24.80 -1.69
CA ASP A 48 0.05 25.96 -1.95
C ASP A 48 1.42 25.52 -2.47
N GLY A 49 1.42 24.56 -3.39
CA GLY A 49 2.65 24.12 -4.02
C GLY A 49 3.53 23.22 -3.18
N GLU A 50 3.15 22.87 -1.96
CA GLU A 50 3.95 22.00 -1.11
C GLU A 50 3.22 20.70 -0.86
N THR A 51 3.91 19.59 -1.08
CA THR A 51 3.29 18.28 -0.85
C THR A 51 3.25 17.99 0.64
N LEU A 53 1.39 15.38 3.93
CA LEU A 53 0.69 14.18 4.35
C LEU A 53 -0.21 14.55 5.50
N LEU A 54 -1.52 14.48 5.30
CA LEU A 54 -2.46 14.78 6.37
C LEU A 54 -2.80 13.50 7.10
N ASP A 55 -2.63 13.50 8.43
CA ASP A 55 -3.20 12.48 9.29
C ASP A 55 -4.47 13.05 9.88
N ILE A 56 -5.61 12.41 9.66
CA ILE A 56 -6.88 12.98 10.07
C ILE A 56 -7.52 12.05 11.09
N LEU A 57 -7.75 12.56 12.29
CA LEU A 57 -8.40 11.79 13.35
C LEU A 57 -9.86 12.21 13.40
N ASP A 58 -10.75 11.23 13.24
CA ASP A 58 -12.20 11.42 13.22
C ASP A 58 -12.74 10.91 14.55
N THR A 59 -13.29 11.82 15.37
CA THR A 59 -13.53 11.51 16.77
C THR A 59 -15.01 11.28 17.05
N ALA A 60 -15.29 10.89 18.29
CA ALA A 60 -16.64 10.53 18.73
C ALA A 60 -17.38 11.78 19.21
N GLY A 61 -18.56 12.01 18.67
CA GLY A 61 -19.41 13.08 19.16
C GLY A 61 -20.40 12.67 20.23
N GLN A 62 -20.73 11.37 20.32
CA GLN A 62 -21.73 10.95 21.29
C GLN A 62 -21.26 11.23 22.72
N GLU A 63 -22.19 11.68 23.57
CA GLU A 63 -21.81 12.10 24.92
C GLU A 63 -21.24 10.95 25.74
N GLU A 64 -21.60 9.71 25.41
CA GLU A 64 -21.09 8.57 26.17
C GLU A 64 -19.57 8.44 26.06
N ALA A 65 -18.95 9.06 25.05
CA ALA A 65 -17.49 9.03 24.89
C ALA A 65 -16.81 10.29 25.42
N SER A 66 -17.53 11.15 26.16
CA SER A 66 -17.03 12.49 26.46
C SER A 66 -15.85 12.50 27.42
N ALA A 67 -15.58 11.41 28.13
CA ALA A 67 -14.47 11.35 29.08
C ALA A 67 -13.17 10.85 28.45
N MET A 68 -13.14 10.64 27.13
CA MET A 68 -12.01 10.00 26.48
C MET A 68 -11.30 10.93 25.49
N ARG A 69 -11.42 12.24 25.67
CA ARG A 69 -10.96 13.21 24.68
C ARG A 69 -9.56 13.72 24.89
N ASP A 70 -9.09 13.82 26.16
CA ASP A 70 -7.77 14.38 26.40
C ASP A 70 -6.71 13.70 25.55
N GLN A 71 -6.78 12.37 25.45
CA GLN A 71 -5.74 11.61 24.74
C GLN A 71 -5.62 12.03 23.28
N TYR A 72 -6.73 12.27 22.58
CA TYR A 72 -6.55 12.68 21.18
C TYR A 72 -6.25 14.18 21.06
N MET A 73 -6.64 15.00 22.03
CA MET A 73 -6.34 16.42 21.92
C MET A 73 -4.87 16.70 22.12
N ARG A 74 -4.19 15.88 22.92
CA ARG A 74 -2.75 16.05 23.13
C ARG A 74 -1.96 15.88 21.83
N THR A 75 -2.38 14.92 20.99
CA THR A 75 -1.63 14.62 19.78
C THR A 75 -1.93 15.58 18.62
N GLY A 76 -3.11 16.18 18.59
CA GLY A 76 -3.50 16.97 17.42
C GLY A 76 -2.74 18.28 17.31
N GLU A 77 -2.42 18.65 16.07
N GLU A 77 -2.45 18.67 16.07
CA GLU A 77 -1.82 19.96 15.83
CA GLU A 77 -1.81 19.96 15.80
C GLU A 77 -2.88 21.02 15.54
C GLU A 77 -2.79 21.04 15.36
N GLY A 78 -3.98 20.66 14.89
CA GLY A 78 -5.01 21.61 14.53
C GLY A 78 -6.35 20.92 14.57
N PHE A 79 -7.41 21.70 14.80
CA PHE A 79 -8.72 21.11 15.05
C PHE A 79 -9.79 21.75 14.17
N LEU A 80 -10.55 20.92 13.46
N LEU A 80 -10.60 20.91 13.53
CA LEU A 80 -11.80 21.37 12.85
CA LEU A 80 -11.80 21.34 12.83
C LEU A 80 -12.89 21.25 13.89
C LEU A 80 -12.97 21.23 13.80
N CYS A 81 -13.51 22.37 14.24
CA CYS A 81 -14.61 22.40 15.21
C CYS A 81 -15.92 22.51 14.44
N VAL A 82 -16.67 21.41 14.38
CA VAL A 82 -17.80 21.26 13.47
C VAL A 82 -19.11 21.33 14.23
N PHE A 83 -20.05 22.13 13.74
CA PHE A 83 -21.45 22.06 14.15
C PHE A 83 -22.28 21.96 12.88
N ALA A 84 -23.58 21.71 13.03
CA ALA A 84 -24.49 21.65 11.89
C ALA A 84 -25.40 22.87 11.92
N ILE A 85 -25.55 23.52 10.77
CA ILE A 85 -26.28 24.79 10.73
C ILE A 85 -27.78 24.61 10.95
N ASN A 86 -28.27 23.37 11.03
CA ASN A 86 -29.67 23.11 11.37
C ASN A 86 -29.82 22.50 12.76
N ASN A 87 -28.82 22.64 13.62
N ASN A 87 -28.83 22.72 13.63
CA ASN A 87 -28.88 22.07 14.97
CA ASN A 87 -28.80 22.11 14.97
C ASN A 87 -28.25 23.07 15.94
C ASN A 87 -28.20 23.14 15.93
N THR A 88 -29.09 23.86 16.61
N THR A 88 -29.05 23.93 16.60
CA THR A 88 -28.60 24.93 17.46
CA THR A 88 -28.52 24.98 17.47
C THR A 88 -27.78 24.39 18.63
C THR A 88 -27.77 24.41 18.68
N LYS A 89 -28.17 23.24 19.17
CA LYS A 89 -27.43 22.67 20.31
C LYS A 89 -26.00 22.34 19.92
N SER A 90 -25.79 21.82 18.71
CA SER A 90 -24.42 21.52 18.28
C SER A 90 -23.58 22.80 18.21
N PHE A 91 -24.19 23.92 17.85
CA PHE A 91 -23.46 25.19 17.85
C PHE A 91 -23.12 25.62 19.28
N GLU A 92 -24.07 25.45 20.21
CA GLU A 92 -23.78 25.76 21.60
C GLU A 92 -22.71 24.83 22.19
N ASP A 93 -22.60 23.59 21.68
CA ASP A 93 -21.57 22.68 22.16
C ASP A 93 -20.16 23.08 21.70
N ILE A 94 -20.03 23.98 20.72
CA ILE A 94 -18.71 24.33 20.18
C ILE A 94 -17.80 24.87 21.27
N HIS A 95 -18.33 25.74 22.13
CA HIS A 95 -17.44 26.41 23.08
C HIS A 95 -16.83 25.41 24.06
N GLN A 96 -17.57 24.36 24.41
N GLN A 96 -17.56 24.33 24.39
CA GLN A 96 -17.01 23.31 25.27
CA GLN A 96 -17.01 23.31 25.28
C GLN A 96 -15.78 22.67 24.63
C GLN A 96 -15.80 22.62 24.64
N TYR A 97 -15.88 22.33 23.34
CA TYR A 97 -14.72 21.75 22.65
C TYR A 97 -13.56 22.73 22.61
N ARG A 98 -13.85 23.98 22.28
CA ARG A 98 -12.81 25.01 22.23
C ARG A 98 -12.08 25.13 23.56
N GLU A 99 -12.84 25.18 24.66
N GLU A 99 -12.84 25.18 24.65
CA GLU A 99 -12.20 25.35 25.96
CA GLU A 99 -12.26 25.34 25.98
C GLU A 99 -11.45 24.11 26.40
C GLU A 99 -11.44 24.12 26.38
N GLN A 100 -11.94 22.92 26.08
CA GLN A 100 -11.20 21.71 26.43
C GLN A 100 -9.89 21.62 25.65
N ILE A 101 -9.90 21.97 24.36
CA ILE A 101 -8.67 21.92 23.57
C ILE A 101 -7.64 22.88 24.18
N LYS A 102 -8.08 24.09 24.53
CA LYS A 102 -7.16 25.07 25.11
C LYS A 102 -6.58 24.58 26.43
N ARG A 103 -7.40 23.94 27.27
N ARG A 103 -7.40 23.91 27.25
CA ARG A 103 -6.87 23.41 28.53
CA ARG A 103 -6.93 23.40 28.53
C ARG A 103 -5.85 22.32 28.27
C ARG A 103 -5.91 22.28 28.34
N VAL A 104 -6.21 21.32 27.45
CA VAL A 104 -5.34 20.17 27.26
C VAL A 104 -4.00 20.58 26.66
N LYS A 105 -4.02 21.44 25.66
CA LYS A 105 -2.78 21.87 25.03
C LYS A 105 -2.13 23.03 25.76
N ASP A 106 -2.75 23.52 26.84
CA ASP A 106 -2.22 24.63 27.64
C ASP A 106 -1.77 25.78 26.74
N SER A 107 -2.70 26.23 25.89
CA SER A 107 -2.36 27.23 24.89
C SER A 107 -3.61 28.01 24.50
N ASP A 108 -3.44 29.31 24.33
CA ASP A 108 -4.45 30.23 23.83
C ASP A 108 -4.43 30.32 22.30
N ASP A 109 -3.51 29.64 21.64
CA ASP A 109 -3.17 29.88 20.25
C ASP A 109 -3.09 28.57 19.45
N VAL A 110 -4.11 27.72 19.57
CA VAL A 110 -4.13 26.44 18.87
C VAL A 110 -4.75 26.63 17.49
N PRO A 111 -4.13 26.13 16.41
CA PRO A 111 -4.79 26.21 15.09
C PRO A 111 -6.16 25.57 15.09
N MET A 112 -7.17 26.33 14.66
N MET A 112 -7.16 26.32 14.66
CA MET A 112 -8.54 25.85 14.59
CA MET A 112 -8.53 25.81 14.58
C MET A 112 -9.26 26.50 13.43
C MET A 112 -9.26 26.50 13.44
N VAL A 113 -10.30 25.82 12.93
CA VAL A 113 -11.24 26.39 11.97
C VAL A 113 -12.64 26.05 12.48
N LEU A 114 -13.55 27.03 12.48
CA LEU A 114 -14.95 26.79 12.81
C LEU A 114 -15.70 26.37 11.55
N VAL A 115 -16.40 25.24 11.60
CA VAL A 115 -17.05 24.67 10.42
C VAL A 115 -18.55 24.54 10.67
N GLY A 116 -19.35 25.19 9.83
CA GLY A 116 -20.79 24.99 9.87
C GLY A 116 -21.23 24.08 8.74
N ASN A 117 -21.53 22.82 9.07
CA ASN A 117 -21.79 21.78 8.07
C ASN A 117 -23.28 21.66 7.77
N LYS A 118 -23.58 20.89 6.70
CA LYS A 118 -24.94 20.65 6.19
C LYS A 118 -25.53 21.91 5.55
N CYS A 119 -24.67 22.70 4.89
CA CYS A 119 -25.15 23.95 4.29
C CYS A 119 -25.94 23.72 3.01
N ASP A 120 -26.10 22.46 2.59
CA ASP A 120 -27.00 22.12 1.50
C ASP A 120 -28.47 22.13 1.93
N LEU A 121 -28.76 22.12 3.22
CA LEU A 121 -30.12 22.05 3.72
C LEU A 121 -30.69 23.46 3.86
N ALA A 122 -31.91 23.65 3.35
CA ALA A 122 -32.53 24.97 3.37
C ALA A 122 -32.92 25.42 4.78
N ALA A 123 -33.34 24.48 5.63
CA ALA A 123 -33.92 24.81 6.94
C ALA A 123 -32.84 25.08 7.99
N ARG A 124 -32.18 26.21 7.84
CA ARG A 124 -31.12 26.62 8.75
C ARG A 124 -31.68 27.17 10.05
N THR A 125 -31.04 26.83 11.19
CA THR A 125 -31.40 27.43 12.46
C THR A 125 -30.29 28.22 13.12
N VAL A 126 -29.04 28.10 12.64
CA VAL A 126 -27.92 28.91 13.10
C VAL A 126 -27.54 29.86 11.98
N GLU A 127 -27.66 31.16 12.21
CA GLU A 127 -27.34 32.12 11.18
C GLU A 127 -25.83 32.29 11.01
N SER A 128 -25.40 32.55 9.78
CA SER A 128 -23.97 32.72 9.49
C SER A 128 -23.37 33.80 10.37
N ARG A 129 -24.10 34.90 10.56
CA ARG A 129 -23.59 36.01 11.35
C ARG A 129 -23.24 35.58 12.76
N GLN A 130 -24.10 34.78 13.41
CA GLN A 130 -23.82 34.33 14.77
C GLN A 130 -22.56 33.47 14.83
N ALA A 131 -22.40 32.56 13.87
CA ALA A 131 -21.18 31.76 13.85
C ALA A 131 -19.95 32.62 13.55
N GLN A 132 -20.08 33.56 12.62
CA GLN A 132 -18.95 34.41 12.29
C GLN A 132 -18.51 35.23 13.49
N ASP A 133 -19.46 35.73 14.27
CA ASP A 133 -19.13 36.48 15.49
C ASP A 133 -18.31 35.62 16.44
N LEU A 134 -18.73 34.36 16.63
CA LEU A 134 -18.00 33.45 17.51
C LEU A 134 -16.60 33.19 16.98
N ALA A 135 -16.48 32.90 15.68
CA ALA A 135 -15.16 32.70 15.08
C ALA A 135 -14.25 33.91 15.30
N ARG A 136 -14.77 35.12 15.10
CA ARG A 136 -13.93 36.31 15.31
C ARG A 136 -13.44 36.37 16.75
N SER A 137 -14.30 36.02 17.71
CA SER A 137 -13.93 36.05 19.12
C SER A 137 -12.81 35.06 19.43
N TYR A 138 -12.71 33.99 18.63
CA TYR A 138 -11.63 33.01 18.73
C TYR A 138 -10.44 33.36 17.87
N GLY A 139 -10.54 34.35 16.99
CA GLY A 139 -9.46 34.63 16.07
C GLY A 139 -9.27 33.61 14.96
N ILE A 140 -10.35 32.94 14.54
CA ILE A 140 -10.21 31.85 13.55
C ILE A 140 -11.23 32.07 12.44
N PRO A 141 -10.99 31.46 11.27
CA PRO A 141 -11.94 31.59 10.17
C PRO A 141 -13.15 30.69 10.36
N TYR A 142 -14.22 31.03 9.65
CA TYR A 142 -15.48 30.28 9.66
C TYR A 142 -15.78 29.86 8.23
N ILE A 143 -16.01 28.57 8.03
CA ILE A 143 -16.24 28.02 6.69
C ILE A 143 -17.47 27.15 6.74
N GLU A 144 -18.46 27.44 5.89
CA GLU A 144 -19.65 26.58 5.78
C GLU A 144 -19.42 25.51 4.74
N THR A 145 -19.85 24.29 5.06
CA THR A 145 -19.53 23.11 4.25
C THR A 145 -20.77 22.27 4.01
N SER A 146 -20.70 21.44 2.97
CA SER A 146 -21.64 20.35 2.79
C SER A 146 -20.86 19.10 2.43
N ALA A 147 -20.91 18.08 3.31
CA ALA A 147 -20.29 16.81 2.98
C ALA A 147 -21.03 16.12 1.84
N LYS A 148 -22.28 16.51 1.59
CA LYS A 148 -23.09 15.92 0.53
C LYS A 148 -22.68 16.44 -0.84
N THR A 149 -22.54 17.76 -0.99
CA THR A 149 -22.24 18.36 -2.29
C THR A 149 -20.76 18.66 -2.51
N ARG A 150 -19.93 18.59 -1.47
CA ARG A 150 -18.51 18.97 -1.41
C ARG A 150 -18.28 20.47 -1.21
N GLN A 151 -19.34 21.29 -1.15
CA GLN A 151 -19.14 22.72 -0.98
C GLN A 151 -18.29 22.99 0.26
N GLY A 152 -17.21 23.76 0.09
CA GLY A 152 -16.37 24.18 1.19
C GLY A 152 -15.48 23.13 1.84
N VAL A 153 -15.55 21.86 1.41
CA VAL A 153 -14.88 20.80 2.15
C VAL A 153 -13.36 20.94 2.06
N GLU A 154 -12.82 21.08 0.86
CA GLU A 154 -11.38 21.28 0.74
C GLU A 154 -10.95 22.58 1.42
N ASP A 155 -11.74 23.64 1.26
CA ASP A 155 -11.42 24.92 1.90
C ASP A 155 -11.27 24.76 3.41
N ALA A 156 -12.17 24.00 4.05
CA ALA A 156 -12.10 23.86 5.50
C ALA A 156 -10.83 23.15 5.93
N PHE A 157 -10.54 21.98 5.34
CA PHE A 157 -9.37 21.21 5.75
C PHE A 157 -8.08 21.92 5.37
N TYR A 158 -8.02 22.51 4.17
CA TYR A 158 -6.75 23.07 3.73
C TYR A 158 -6.47 24.41 4.40
N THR A 159 -7.52 25.16 4.77
CA THR A 159 -7.32 26.34 5.62
C THR A 159 -6.69 25.95 6.95
N LEU A 160 -7.13 24.84 7.54
CA LEU A 160 -6.54 24.38 8.80
C LEU A 160 -5.07 24.02 8.62
N VAL A 161 -4.73 23.37 7.50
CA VAL A 161 -3.32 23.09 7.21
C VAL A 161 -2.50 24.37 7.18
N ARG A 162 -3.02 25.39 6.49
CA ARG A 162 -2.29 26.66 6.40
C ARG A 162 -2.08 27.27 7.78
N GLU A 163 -3.03 27.10 8.70
N GLU A 163 -3.07 27.15 8.66
CA GLU A 163 -2.86 27.68 10.03
CA GLU A 163 -2.91 27.65 10.03
C GLU A 163 -1.87 26.91 10.88
C GLU A 163 -1.78 26.93 10.75
N ILE A 164 -1.76 25.60 10.70
CA ILE A 164 -0.68 24.86 11.33
C ILE A 164 0.66 25.27 10.74
N ARG A 165 0.70 25.45 9.42
CA ARG A 165 1.95 25.78 8.75
C ARG A 165 2.49 27.14 9.21
N GLN A 166 1.62 28.10 9.49
CA GLN A 166 2.02 29.45 9.87
C GLN A 166 2.14 29.60 11.39
N HIS A 167 1.90 28.54 12.14
CA HIS A 167 1.86 28.59 13.60
C HIS A 167 3.25 28.78 14.20
N GLY B 1 -3.98 8.85 43.24
CA GLY B 1 -3.44 7.52 43.05
C GLY B 1 -4.00 6.85 41.82
N GLN B 2 -3.24 5.91 41.25
CA GLN B 2 -3.77 5.14 40.15
C GLN B 2 -4.95 4.30 40.61
N MET B 3 -5.83 3.97 39.66
CA MET B 3 -6.92 3.06 39.98
C MET B 3 -6.36 1.69 40.31
N ARG B 4 -6.97 1.04 41.28
CA ARG B 4 -6.70 -0.37 41.48
C ARG B 4 -7.36 -1.18 40.38
N LEU B 5 -6.81 -2.36 40.12
CA LEU B 5 -7.21 -3.21 39.02
C LEU B 5 -7.79 -4.51 39.56
N PRO B 6 -8.55 -5.25 38.74
CA PRO B 6 -8.96 -6.59 39.16
C PRO B 6 -7.73 -7.44 39.43
N SER B 7 -7.91 -8.45 40.27
CA SER B 7 -6.86 -9.43 40.49
C SER B 7 -6.51 -10.13 39.18
N ALA B 8 -5.21 -10.24 38.90
CA ALA B 8 -4.77 -10.93 37.69
C ALA B 8 -5.19 -12.39 37.66
N ASP B 9 -5.65 -12.93 38.80
CA ASP B 9 -6.14 -14.31 38.83
C ASP B 9 -7.51 -14.44 38.17
N VAL B 10 -8.37 -13.43 38.30
CA VAL B 10 -9.69 -13.47 37.67
C VAL B 10 -9.74 -12.71 36.35
N TYR B 11 -8.77 -11.85 36.07
CA TYR B 11 -8.77 -11.05 34.85
C TYR B 11 -7.34 -10.97 34.33
N ARG B 12 -7.07 -11.65 33.21
CA ARG B 12 -5.68 -11.86 32.80
C ARG B 12 -5.00 -10.59 32.31
N PHE B 13 -5.76 -9.56 31.94
CA PHE B 13 -5.18 -8.37 31.34
C PHE B 13 -4.72 -7.33 32.38
N ALA B 14 -4.63 -7.72 33.65
CA ALA B 14 -4.15 -6.85 34.71
C ALA B 14 -2.78 -7.25 35.22
N GLU B 15 -2.15 -8.24 34.60
CA GLU B 15 -0.78 -8.58 34.93
C GLU B 15 0.12 -7.36 34.71
N PRO B 16 1.06 -7.10 35.61
CA PRO B 16 1.98 -5.97 35.40
C PRO B 16 2.85 -6.16 34.16
N ASP B 17 3.13 -5.05 33.48
CA ASP B 17 4.14 -5.05 32.42
C ASP B 17 5.48 -5.51 32.96
N SER B 18 6.15 -6.37 32.21
CA SER B 18 7.54 -6.71 32.49
C SER B 18 8.22 -7.06 31.18
N GLU B 19 9.55 -7.11 31.22
CA GLU B 19 10.29 -7.54 30.02
C GLU B 19 10.04 -8.99 29.66
N GLU B 20 9.40 -9.77 30.53
CA GLU B 20 9.00 -11.12 30.17
C GLU B 20 7.70 -11.15 29.39
N ASN B 21 6.98 -10.03 29.28
CA ASN B 21 5.74 -10.05 28.50
C ASN B 21 5.55 -8.87 27.55
N ILE B 22 6.35 -7.81 27.61
CA ILE B 22 6.22 -6.72 26.64
C ILE B 22 7.54 -5.96 26.58
N ILE B 23 7.93 -5.57 25.36
CA ILE B 23 9.14 -4.79 25.14
C ILE B 23 8.78 -3.60 24.26
N PHE B 24 9.15 -2.40 24.69
CA PHE B 24 8.84 -1.18 23.95
C PHE B 24 10.04 -0.73 23.14
N GLU B 25 9.79 -0.05 22.03
CA GLU B 25 10.85 0.63 21.29
C GLU B 25 11.36 1.82 22.09
N GLU B 26 12.60 2.21 21.82
CA GLU B 26 13.14 3.43 22.40
C GLU B 26 12.52 4.65 21.71
N GLY B 33 2.80 11.13 22.31
CA GLY B 33 3.89 10.42 22.95
C GLY B 33 3.45 9.09 23.55
N ILE B 34 2.72 8.30 22.78
CA ILE B 34 2.29 6.98 23.25
C ILE B 34 3.40 5.97 22.96
N PRO B 35 3.54 4.93 23.78
CA PRO B 35 4.63 3.97 23.55
C PRO B 35 4.44 3.20 22.25
N ILE B 36 5.55 2.74 21.70
CA ILE B 36 5.55 1.91 20.49
C ILE B 36 6.05 0.53 20.89
N ILE B 37 5.27 -0.52 20.57
CA ILE B 37 5.56 -1.86 21.04
C ILE B 37 6.50 -2.56 20.07
N LYS B 38 7.60 -3.08 20.59
CA LYS B 38 8.50 -3.91 19.78
C LYS B 38 8.08 -5.37 19.78
N ALA B 39 7.72 -5.91 20.94
CA ALA B 39 7.37 -7.31 21.07
C ALA B 39 6.50 -7.49 22.30
N GLY B 40 5.74 -8.58 22.33
CA GLY B 40 4.95 -8.90 23.52
C GLY B 40 4.20 -10.20 23.35
N THR B 41 3.63 -10.67 24.47
CA THR B 41 2.70 -11.79 24.39
C THR B 41 1.40 -11.33 23.73
N VAL B 42 0.62 -12.29 23.23
CA VAL B 42 -0.65 -11.89 22.58
C VAL B 42 -1.58 -11.21 23.59
N ILE B 43 -1.54 -11.65 24.86
CA ILE B 43 -2.34 -11.00 25.92
C ILE B 43 -1.96 -9.53 26.07
N LYS B 44 -0.65 -9.24 26.08
CA LYS B 44 -0.21 -7.85 26.22
C LYS B 44 -0.53 -7.04 24.98
N LEU B 45 -0.42 -7.64 23.79
CA LEU B 45 -0.79 -6.91 22.58
C LEU B 45 -2.26 -6.52 22.61
N ILE B 46 -3.12 -7.43 23.07
CA ILE B 46 -4.55 -7.14 23.07
C ILE B 46 -4.88 -6.11 24.16
N GLU B 47 -4.19 -6.20 25.30
CA GLU B 47 -4.34 -5.16 26.32
C GLU B 47 -4.01 -3.78 25.76
N ARG B 48 -2.89 -3.66 25.05
CA ARG B 48 -2.52 -2.34 24.54
C ARG B 48 -3.37 -1.94 23.34
N LEU B 49 -3.92 -2.91 22.62
CA LEU B 49 -4.85 -2.64 21.52
C LEU B 49 -6.12 -1.95 22.01
N THR B 50 -6.46 -2.13 23.27
CA THR B 50 -7.71 -1.69 23.86
C THR B 50 -7.45 -0.97 25.17
N TYR B 51 -6.41 -0.13 25.18
CA TYR B 51 -5.85 0.38 26.42
C TYR B 51 -6.73 1.48 27.02
N HIS B 52 -6.79 1.51 28.36
CA HIS B 52 -7.71 2.46 28.99
C HIS B 52 -7.20 3.90 28.93
N MET B 53 -5.90 4.11 28.74
CA MET B 53 -5.35 5.48 28.84
C MET B 53 -5.40 6.23 27.52
N TYR B 54 -5.40 5.55 26.39
CA TYR B 54 -5.36 6.26 25.12
C TYR B 54 -5.89 5.34 24.03
N ALA B 55 -6.33 5.97 22.93
CA ALA B 55 -6.65 5.25 21.71
C ALA B 55 -5.43 5.22 20.81
N ASP B 56 -5.42 4.24 19.91
CA ASP B 56 -4.27 4.03 19.03
C ASP B 56 -4.77 3.50 17.69
N PRO B 57 -5.40 4.35 16.90
CA PRO B 57 -6.05 3.87 15.67
C PRO B 57 -5.08 3.24 14.69
N ASN B 58 -3.83 3.69 14.63
N ASN B 58 -3.85 3.74 14.60
CA ASN B 58 -2.89 3.04 13.72
CA ASN B 58 -2.84 3.10 13.78
C ASN B 58 -2.43 1.68 14.24
C ASN B 58 -2.63 1.67 14.24
N PHE B 59 -2.47 1.47 15.55
CA PHE B 59 -2.25 0.13 16.09
C PHE B 59 -3.40 -0.80 15.73
N VAL B 60 -4.64 -0.29 15.77
CA VAL B 60 -5.79 -1.13 15.45
C VAL B 60 -5.70 -1.61 14.00
N ARG B 61 -5.37 -0.70 13.07
CA ARG B 61 -5.21 -1.13 11.69
C ARG B 61 -4.04 -2.11 11.53
N THR B 62 -2.91 -1.78 12.15
CA THR B 62 -1.74 -2.66 12.04
C THR B 62 -2.07 -4.06 12.55
N PHE B 63 -2.68 -4.12 13.74
CA PHE B 63 -3.02 -5.40 14.34
C PHE B 63 -4.01 -6.18 13.48
N LEU B 64 -5.12 -5.54 13.09
CA LEU B 64 -6.14 -6.27 12.34
C LEU B 64 -5.65 -6.67 10.95
N THR B 65 -4.69 -5.93 10.39
CA THR B 65 -4.13 -6.32 9.10
C THR B 65 -3.22 -7.55 9.21
N THR B 66 -2.47 -7.67 10.32
CA THR B 66 -1.35 -8.62 10.39
C THR B 66 -1.49 -9.75 11.41
N TYR B 67 -2.54 -9.78 12.24
CA TYR B 67 -2.53 -10.67 13.41
C TYR B 67 -2.56 -12.15 13.05
N ARG B 68 -3.02 -12.52 11.86
CA ARG B 68 -3.22 -13.95 11.59
C ARG B 68 -1.92 -14.71 11.53
N SER B 69 -0.78 -14.03 11.42
CA SER B 69 0.52 -14.68 11.50
C SER B 69 0.88 -15.12 12.92
N PHE B 70 0.12 -14.68 13.94
CA PHE B 70 0.41 -15.12 15.30
C PHE B 70 -0.82 -15.51 16.13
N CYS B 71 -2.04 -15.35 15.61
CA CYS B 71 -3.24 -15.65 16.37
C CYS B 71 -4.35 -16.01 15.38
N LYS B 72 -5.08 -17.10 15.64
CA LYS B 72 -6.16 -17.44 14.72
C LYS B 72 -7.36 -16.51 14.92
N PRO B 73 -8.18 -16.28 13.88
CA PRO B 73 -9.37 -15.43 14.06
C PRO B 73 -10.29 -15.88 15.19
N GLN B 74 -10.55 -17.18 15.32
CA GLN B 74 -11.41 -17.65 16.41
C GLN B 74 -10.81 -17.30 17.76
N GLU B 75 -9.49 -17.41 17.89
CA GLU B 75 -8.85 -17.14 19.18
C GLU B 75 -8.82 -15.65 19.47
N LEU B 76 -8.64 -14.81 18.44
CA LEU B 76 -8.74 -13.37 18.64
C LEU B 76 -10.09 -12.98 19.21
N LEU B 77 -11.17 -13.52 18.64
CA LEU B 77 -12.50 -13.16 19.13
C LEU B 77 -12.67 -13.59 20.59
N SER B 78 -12.23 -14.81 20.92
CA SER B 78 -12.31 -15.23 22.33
C SER B 78 -11.55 -14.27 23.23
N LEU B 79 -10.36 -13.83 22.80
CA LEU B 79 -9.56 -12.98 23.67
C LEU B 79 -10.17 -11.60 23.83
N ILE B 80 -10.80 -11.04 22.79
CA ILE B 80 -11.36 -9.70 23.02
C ILE B 80 -12.67 -9.78 23.80
N ILE B 81 -13.41 -10.89 23.70
CA ILE B 81 -14.57 -11.07 24.58
C ILE B 81 -14.11 -11.18 26.02
N GLU B 82 -13.02 -11.91 26.26
CA GLU B 82 -12.44 -11.99 27.61
C GLU B 82 -12.00 -10.60 28.10
N ARG B 83 -11.37 -9.81 27.21
CA ARG B 83 -10.98 -8.44 27.55
C ARG B 83 -12.19 -7.61 27.95
N PHE B 84 -13.31 -7.78 27.25
CA PHE B 84 -14.51 -6.96 27.46
C PHE B 84 -15.12 -7.21 28.84
N GLU B 85 -14.99 -8.42 29.37
CA GLU B 85 -15.76 -8.81 30.55
C GLU B 85 -14.96 -8.51 31.82
N ILE B 86 -15.04 -7.26 32.24
CA ILE B 86 -14.18 -6.71 33.30
C ILE B 86 -14.95 -6.76 34.62
N PRO B 87 -14.41 -7.37 35.67
CA PRO B 87 -15.12 -7.38 36.95
C PRO B 87 -15.07 -6.02 37.63
N GLU B 88 -16.20 -5.66 38.32
CA GLU B 88 -16.28 -4.42 39.08
C GLU B 88 -15.73 -4.63 40.49
N PRO B 89 -15.12 -3.61 41.08
CA PRO B 89 -14.56 -3.76 42.43
C PRO B 89 -15.64 -3.82 43.49
N GLU B 90 -15.28 -4.39 44.65
CA GLU B 90 -16.19 -4.48 45.79
C GLU B 90 -16.31 -3.12 46.49
N PRO B 91 -17.39 -2.91 47.25
CA PRO B 91 -17.51 -1.65 48.01
C PRO B 91 -16.34 -1.46 48.95
N THR B 92 -15.96 -0.20 49.14
CA THR B 92 -14.86 0.13 50.02
C THR B 92 -15.33 0.27 51.47
N GLU B 93 -14.37 0.48 52.38
CA GLU B 93 -14.69 0.62 53.79
C GLU B 93 -15.69 1.75 54.02
N ALA B 94 -15.50 2.89 53.34
CA ALA B 94 -16.43 4.00 53.50
C ALA B 94 -17.82 3.64 52.99
N ASP B 95 -17.90 2.94 51.85
CA ASP B 95 -19.19 2.47 51.36
C ASP B 95 -19.84 1.53 52.37
N ARG B 96 -19.05 0.62 52.94
N ARG B 96 -19.05 0.63 52.93
CA ARG B 96 -19.57 -0.33 53.92
CA ARG B 96 -19.55 -0.33 53.91
C ARG B 96 -20.19 0.39 55.12
C ARG B 96 -20.17 0.38 55.11
N ILE B 97 -19.48 1.39 55.64
CA ILE B 97 -19.97 2.10 56.82
C ILE B 97 -21.25 2.86 56.51
N ALA B 98 -21.35 3.46 55.32
CA ALA B 98 -22.59 4.12 54.95
C ALA B 98 -23.75 3.14 54.89
N ILE B 99 -23.55 1.99 54.26
CA ILE B 99 -24.63 1.00 54.14
C ILE B 99 -25.05 0.49 55.51
N GLU B 100 -24.09 0.30 56.42
CA GLU B 100 -24.42 -0.16 57.76
C GLU B 100 -25.28 0.82 58.52
N ASN B 101 -25.24 2.10 58.15
CA ASN B 101 -26.08 3.12 58.75
C ASN B 101 -27.36 3.36 57.96
N GLY B 102 -27.65 2.54 56.96
CA GLY B 102 -28.84 2.72 56.16
C GLY B 102 -28.76 3.83 55.14
N ASP B 103 -27.57 4.33 54.83
CA ASP B 103 -27.38 5.43 53.89
C ASP B 103 -26.91 4.89 52.53
N GLN B 104 -27.06 5.73 51.52
CA GLN B 104 -26.55 5.34 50.20
C GLN B 104 -25.05 5.58 50.16
N PRO B 105 -24.26 4.61 49.71
CA PRO B 105 -22.80 4.84 49.61
C PRO B 105 -22.48 5.81 48.49
N LEU B 106 -21.35 6.48 48.64
CA LEU B 106 -20.86 7.36 47.58
C LEU B 106 -20.29 6.57 46.41
N SER B 107 -19.73 5.40 46.68
CA SER B 107 -19.16 4.52 45.64
C SER B 107 -18.18 5.25 44.74
N ALA B 108 -17.35 6.12 45.33
CA ALA B 108 -16.48 6.96 44.52
C ALA B 108 -15.50 6.13 43.69
N GLU B 109 -14.89 5.11 44.30
CA GLU B 109 -13.90 4.33 43.58
C GLU B 109 -14.55 3.47 42.49
N LEU B 110 -15.72 2.89 42.78
CA LEU B 110 -16.45 2.15 41.77
C LEU B 110 -16.82 3.02 40.58
N LYS B 111 -17.36 4.21 40.85
CA LYS B 111 -17.74 5.12 39.75
C LYS B 111 -16.54 5.54 38.93
N ARG B 112 -15.41 5.82 39.58
CA ARG B 112 -14.21 6.18 38.83
C ARG B 112 -13.73 5.02 37.97
N PHE B 113 -13.73 3.79 38.52
CA PHE B 113 -13.26 2.64 37.76
C PHE B 113 -14.16 2.36 36.55
N ARG B 114 -15.48 2.55 36.69
CA ARG B 114 -16.37 2.43 35.53
C ARG B 114 -16.04 3.49 34.49
N LYS B 115 -15.86 4.74 34.93
CA LYS B 115 -15.69 5.85 34.00
C LYS B 115 -14.33 5.83 33.32
N GLU B 116 -13.28 5.40 34.03
CA GLU B 116 -11.93 5.57 33.52
C GLU B 116 -11.23 4.28 33.13
N TYR B 117 -11.78 3.13 33.52
CA TYR B 117 -11.24 1.85 33.07
C TYR B 117 -12.25 1.07 32.23
N ILE B 118 -13.42 0.73 32.78
CA ILE B 118 -14.32 -0.20 32.09
C ILE B 118 -14.85 0.42 30.80
N GLN B 119 -15.42 1.62 30.88
CA GLN B 119 -16.04 2.20 29.69
C GLN B 119 -15.05 2.46 28.56
N PRO B 120 -13.86 3.03 28.79
CA PRO B 120 -12.90 3.14 27.69
C PRO B 120 -12.43 1.80 27.12
N VAL B 121 -12.12 0.82 27.97
CA VAL B 121 -11.66 -0.47 27.46
C VAL B 121 -12.77 -1.14 26.65
N GLN B 122 -14.00 -1.12 27.19
CA GLN B 122 -15.10 -1.75 26.47
C GLN B 122 -15.39 -1.04 25.16
N LEU B 123 -15.36 0.30 25.16
CA LEU B 123 -15.56 1.02 23.90
C LEU B 123 -14.47 0.70 22.90
N ARG B 124 -13.22 0.58 23.37
CA ARG B 124 -12.13 0.28 22.46
C ARG B 124 -12.18 -1.16 21.96
N VAL B 125 -12.70 -2.10 22.76
CA VAL B 125 -13.00 -3.44 22.23
C VAL B 125 -14.03 -3.35 21.11
N LEU B 126 -15.09 -2.58 21.34
CA LEU B 126 -16.10 -2.43 20.29
C LEU B 126 -15.50 -1.77 19.06
N ASN B 127 -14.56 -0.86 19.24
CA ASN B 127 -13.92 -0.23 18.08
C ASN B 127 -13.10 -1.24 17.29
N VAL B 128 -12.45 -2.19 18.00
CA VAL B 128 -11.78 -3.29 17.28
C VAL B 128 -12.79 -4.10 16.49
N CYS B 129 -13.93 -4.46 17.13
CA CYS B 129 -14.96 -5.21 16.42
C CYS B 129 -15.46 -4.45 15.20
N ARG B 130 -15.68 -3.16 15.35
CA ARG B 130 -16.20 -2.34 14.25
C ARG B 130 -15.21 -2.30 13.08
N HIS B 131 -13.93 -2.08 13.39
CA HIS B 131 -12.92 -2.06 12.32
C HIS B 131 -12.75 -3.43 11.68
N TRP B 132 -12.82 -4.47 12.51
CA TRP B 132 -12.71 -5.84 12.02
C TRP B 132 -13.79 -6.12 10.98
N VAL B 133 -15.04 -5.77 11.30
CA VAL B 133 -16.16 -6.04 10.41
C VAL B 133 -16.11 -5.13 9.18
N GLU B 134 -15.73 -3.86 9.35
CA GLU B 134 -15.82 -2.93 8.23
C GLU B 134 -14.67 -3.10 7.25
N HIS B 135 -13.47 -3.39 7.74
CA HIS B 135 -12.29 -3.33 6.89
C HIS B 135 -11.57 -4.66 6.74
N HIS B 136 -11.98 -5.69 7.46
CA HIS B 136 -11.31 -7.00 7.39
C HIS B 136 -12.35 -8.10 7.40
N PHE B 137 -13.46 -7.88 6.68
CA PHE B 137 -14.62 -8.77 6.73
C PHE B 137 -14.33 -10.15 6.15
N TYR B 138 -13.22 -10.32 5.43
CA TYR B 138 -12.94 -11.61 4.83
C TYR B 138 -12.81 -12.73 5.85
N ASP B 139 -12.37 -12.42 7.08
CA ASP B 139 -12.34 -13.44 8.13
C ASP B 139 -13.72 -14.07 8.30
N PHE B 140 -14.77 -13.25 8.23
CA PHE B 140 -16.14 -13.71 8.42
C PHE B 140 -16.74 -14.32 7.15
N GLU B 141 -16.32 -13.86 5.97
CA GLU B 141 -16.76 -14.53 4.74
C GLU B 141 -16.24 -15.95 4.67
N ARG B 142 -15.03 -16.19 5.18
CA ARG B 142 -14.38 -17.49 5.07
C ARG B 142 -14.69 -18.41 6.24
N ASP B 143 -15.33 -17.91 7.29
CA ASP B 143 -15.65 -18.72 8.48
C ASP B 143 -17.03 -18.27 8.97
N ALA B 144 -18.09 -18.93 8.50
CA ALA B 144 -19.44 -18.52 8.89
C ALA B 144 -19.66 -18.66 10.40
N TYR B 145 -18.99 -19.62 11.03
CA TYR B 145 -19.17 -19.77 12.48
C TYR B 145 -18.55 -18.60 13.23
N LEU B 146 -17.43 -18.06 12.73
CA LEU B 146 -16.86 -16.87 13.34
C LEU B 146 -17.86 -15.71 13.31
N LEU B 147 -18.58 -15.57 12.19
CA LEU B 147 -19.56 -14.50 12.08
C LEU B 147 -20.72 -14.69 13.06
N GLN B 148 -21.20 -15.92 13.20
CA GLN B 148 -22.22 -16.20 14.19
C GLN B 148 -21.77 -15.78 15.58
N ARG B 149 -20.52 -16.11 15.95
CA ARG B 149 -20.03 -15.75 17.28
C ARG B 149 -19.96 -14.23 17.47
N MET B 150 -19.55 -13.52 16.43
CA MET B 150 -19.48 -12.06 16.53
C MET B 150 -20.88 -11.45 16.65
N GLU B 151 -21.82 -11.93 15.83
CA GLU B 151 -23.19 -11.45 15.95
C GLU B 151 -23.75 -11.71 17.34
N GLU B 152 -23.47 -12.89 17.90
N GLU B 152 -23.50 -12.90 17.88
CA GLU B 152 -24.01 -13.24 19.20
CA GLU B 152 -24.01 -13.24 19.21
C GLU B 152 -23.38 -12.42 20.32
C GLU B 152 -23.39 -12.36 20.27
N PHE B 153 -22.07 -12.15 20.21
CA PHE B 153 -21.41 -11.32 21.21
C PHE B 153 -21.96 -9.90 21.19
N ILE B 154 -21.97 -9.28 20.02
CA ILE B 154 -22.45 -7.90 19.90
C ILE B 154 -23.90 -7.81 20.32
N GLY B 155 -24.73 -8.76 19.88
CA GLY B 155 -26.15 -8.71 20.12
C GLY B 155 -26.56 -8.98 21.56
N THR B 156 -25.62 -9.42 22.41
CA THR B 156 -25.93 -9.64 23.81
C THR B 156 -25.18 -8.70 24.76
N VAL B 157 -24.57 -7.61 24.25
CA VAL B 157 -23.97 -6.62 25.13
C VAL B 157 -25.10 -5.79 25.75
N ARG B 158 -25.14 -5.74 27.08
CA ARG B 158 -26.19 -5.05 27.81
C ARG B 158 -25.70 -3.70 28.32
N GLY B 159 -26.63 -2.87 28.78
CA GLY B 159 -26.21 -1.65 29.43
C GLY B 159 -26.13 -0.46 28.51
N LYS B 160 -26.58 0.70 28.98
CA LYS B 160 -26.88 1.79 28.06
C LYS B 160 -25.65 2.54 27.59
N ALA B 161 -24.51 2.46 28.30
CA ALA B 161 -23.35 3.23 27.87
C ALA B 161 -22.85 2.79 26.49
N MET B 162 -22.93 1.49 26.19
CA MET B 162 -22.47 0.96 24.90
C MET B 162 -23.59 0.86 23.86
N LYS B 163 -24.85 1.16 24.24
CA LYS B 163 -26.00 0.79 23.43
C LYS B 163 -25.97 1.37 22.02
N LYS B 164 -25.57 2.64 21.89
CA LYS B 164 -25.56 3.25 20.55
C LYS B 164 -24.62 2.49 19.62
N TRP B 165 -23.47 2.07 20.11
CA TRP B 165 -22.50 1.43 19.24
C TRP B 165 -22.84 -0.04 19.00
N VAL B 166 -23.47 -0.70 19.99
CA VAL B 166 -23.91 -2.08 19.80
C VAL B 166 -24.97 -2.16 18.71
N GLU B 167 -25.97 -1.27 18.76
CA GLU B 167 -27.01 -1.28 17.75
C GLU B 167 -26.45 -0.91 16.38
N SER B 168 -25.47 0.00 16.35
CA SER B 168 -24.86 0.37 15.08
C SER B 168 -24.07 -0.78 14.50
N ILE B 169 -23.24 -1.43 15.32
CA ILE B 169 -22.40 -2.51 14.80
C ILE B 169 -23.24 -3.68 14.31
N THR B 170 -24.35 -3.96 15.01
CA THR B 170 -25.29 -4.98 14.52
C THR B 170 -25.73 -4.67 13.10
N LYS B 171 -26.14 -3.42 12.86
CA LYS B 171 -26.60 -3.06 11.52
C LYS B 171 -25.48 -3.10 10.49
N ILE B 172 -24.27 -2.65 10.86
CA ILE B 172 -23.15 -2.71 9.94
C ILE B 172 -22.87 -4.15 9.54
N ILE B 173 -22.94 -5.09 10.51
CA ILE B 173 -22.72 -6.49 10.18
C ILE B 173 -23.75 -6.99 9.18
N GLN B 174 -25.03 -6.66 9.41
CA GLN B 174 -26.06 -7.16 8.51
C GLN B 174 -25.91 -6.57 7.12
N ARG B 175 -25.51 -5.28 7.03
N ARG B 175 -25.48 -5.30 7.03
CA ARG B 175 -25.21 -4.67 5.75
CA ARG B 175 -25.24 -4.70 5.72
C ARG B 175 -24.07 -5.39 5.04
C ARG B 175 -24.05 -5.34 5.02
N LYS B 176 -22.96 -5.61 5.76
CA LYS B 176 -21.80 -6.26 5.15
C LYS B 176 -22.13 -7.64 4.61
N LYS B 177 -23.12 -8.31 5.18
CA LYS B 177 -23.45 -9.66 4.73
C LYS B 177 -24.05 -9.65 3.32
N ILE B 178 -24.88 -8.66 3.01
CA ILE B 178 -25.53 -8.63 1.70
C ILE B 178 -24.83 -7.72 0.70
N ALA B 179 -23.72 -7.11 1.08
CA ALA B 179 -22.97 -6.25 0.17
C ALA B 179 -22.09 -7.09 -0.75
N ASN B 187 -20.42 5.51 -5.33
CA ASN B 187 -20.97 6.77 -5.78
C ASN B 187 -20.01 7.93 -5.48
N ILE B 188 -19.62 8.68 -6.52
CA ILE B 188 -18.51 9.60 -6.47
C ILE B 188 -18.97 10.99 -6.90
N THR B 189 -18.47 12.03 -6.20
CA THR B 189 -18.75 13.42 -6.58
C THR B 189 -17.44 14.18 -6.73
N PHE B 190 -17.39 15.10 -7.71
CA PHE B 190 -16.14 15.75 -8.10
C PHE B 190 -16.21 17.28 -8.02
N GLN B 191 -15.02 17.88 -7.89
CA GLN B 191 -14.90 19.34 -7.97
C GLN B 191 -15.30 19.88 -9.33
N SER B 192 -15.06 19.12 -10.41
CA SER B 192 -15.29 19.61 -11.76
C SER B 192 -15.89 18.51 -12.64
N SER B 193 -16.22 18.87 -13.90
CA SER B 193 -16.62 17.88 -14.89
C SER B 193 -15.40 17.26 -15.55
N PRO B 194 -15.47 15.97 -15.88
CA PRO B 194 -14.35 15.35 -16.60
C PRO B 194 -14.24 15.90 -18.00
N PRO B 195 -13.05 15.88 -18.59
CA PRO B 195 -12.87 16.42 -19.94
C PRO B 195 -13.62 15.58 -20.98
N THR B 196 -13.82 16.19 -22.14
CA THR B 196 -14.51 15.52 -23.23
C THR B 196 -13.66 14.38 -23.80
N VAL B 197 -14.31 13.25 -24.09
CA VAL B 197 -13.64 12.10 -24.70
C VAL B 197 -13.14 12.48 -26.09
N GLU B 198 -11.90 12.13 -26.40
CA GLU B 198 -11.28 12.51 -27.67
C GLU B 198 -11.25 11.35 -28.66
N TRP B 199 -11.51 11.65 -29.94
CA TRP B 199 -11.55 10.66 -31.01
C TRP B 199 -10.62 11.08 -32.15
N HIS B 200 -10.07 10.08 -32.85
CA HIS B 200 -9.09 10.28 -33.91
C HIS B 200 -9.67 9.61 -35.17
N ILE B 201 -8.98 8.61 -35.75
CA ILE B 201 -9.48 7.95 -36.95
C ILE B 201 -10.69 7.08 -36.64
N SER B 202 -10.58 6.20 -35.63
CA SER B 202 -11.74 5.42 -35.21
C SER B 202 -12.81 6.35 -34.64
N ARG B 203 -14.05 6.14 -35.04
CA ARG B 203 -15.15 6.98 -34.57
C ARG B 203 -16.01 6.21 -33.55
N PRO B 204 -16.80 6.90 -32.72
CA PRO B 204 -17.58 6.22 -31.68
C PRO B 204 -18.44 5.11 -32.24
N GLY B 205 -18.40 3.95 -31.58
CA GLY B 205 -19.17 2.80 -32.00
C GLY B 205 -18.51 1.89 -33.01
N HIS B 206 -17.37 2.30 -33.59
CA HIS B 206 -16.74 1.51 -34.64
C HIS B 206 -15.57 0.70 -34.08
N ILE B 207 -15.92 -0.22 -33.19
CA ILE B 207 -14.94 -0.93 -32.40
C ILE B 207 -14.04 -1.80 -33.27
N GLU B 208 -14.52 -2.19 -34.47
CA GLU B 208 -13.74 -3.05 -35.36
C GLU B 208 -12.51 -2.35 -35.92
N THR B 209 -12.45 -1.02 -35.89
CA THR B 209 -11.29 -0.29 -36.36
C THR B 209 -10.34 0.11 -35.24
N PHE B 210 -10.70 -0.12 -33.98
CA PHE B 210 -9.87 0.31 -32.85
C PHE B 210 -8.49 -0.33 -32.94
N ASP B 211 -7.46 0.48 -32.75
CA ASP B 211 -6.08 -0.02 -32.77
C ASP B 211 -5.18 1.07 -32.20
N LEU B 212 -3.89 0.73 -32.05
CA LEU B 212 -2.93 1.63 -31.45
C LEU B 212 -2.91 3.01 -32.14
N LEU B 213 -2.95 3.03 -33.47
CA LEU B 213 -2.78 4.28 -34.20
C LEU B 213 -4.11 4.94 -34.58
N THR B 214 -5.23 4.24 -34.46
CA THR B 214 -6.52 4.78 -34.86
C THR B 214 -7.33 5.36 -33.69
N LEU B 215 -7.16 4.85 -32.48
CA LEU B 215 -7.69 5.56 -31.33
C LEU B 215 -6.83 6.81 -31.07
N HIS B 216 -7.43 7.78 -30.38
CA HIS B 216 -6.68 8.99 -30.04
C HIS B 216 -5.68 8.67 -28.93
N PRO B 217 -4.41 9.05 -29.06
CA PRO B 217 -3.45 8.69 -28.00
C PRO B 217 -3.82 9.26 -26.64
N ILE B 218 -4.45 10.43 -26.58
CA ILE B 218 -4.92 10.95 -25.30
C ILE B 218 -5.91 10.00 -24.66
N GLU B 219 -6.85 9.50 -25.47
CA GLU B 219 -7.93 8.67 -24.93
C GLU B 219 -7.44 7.26 -24.64
N ILE B 220 -6.47 6.76 -25.39
CA ILE B 220 -5.81 5.50 -25.00
C ILE B 220 -5.24 5.63 -23.59
N ALA B 221 -4.46 6.68 -23.35
CA ALA B 221 -3.87 6.86 -22.02
C ALA B 221 -4.94 7.03 -20.94
N ARG B 222 -6.01 7.77 -21.24
CA ARG B 222 -7.05 7.98 -20.22
C ARG B 222 -7.77 6.67 -19.87
N GLN B 223 -8.18 5.92 -20.88
CA GLN B 223 -8.95 4.70 -20.62
C GLN B 223 -8.09 3.62 -19.99
N LEU B 224 -6.80 3.52 -20.39
CA LEU B 224 -5.91 2.59 -19.69
C LEU B 224 -5.67 3.04 -18.24
N THR B 225 -5.63 4.34 -18.00
CA THR B 225 -5.45 4.83 -16.63
C THR B 225 -6.66 4.49 -15.76
N LEU B 226 -7.88 4.66 -16.28
CA LEU B 226 -9.06 4.26 -15.52
C LEU B 226 -9.04 2.75 -15.24
N LEU B 227 -8.70 1.94 -16.24
CA LEU B 227 -8.61 0.49 -16.05
C LEU B 227 -7.55 0.12 -15.01
N GLU B 228 -6.35 0.70 -15.14
CA GLU B 228 -5.25 0.38 -14.25
C GLU B 228 -5.47 0.95 -12.84
N SER B 229 -6.15 2.10 -12.74
CA SER B 229 -6.54 2.61 -11.43
C SER B 229 -7.53 1.66 -10.74
N ASP B 230 -8.57 1.22 -11.48
CA ASP B 230 -9.52 0.27 -10.90
C ASP B 230 -8.83 -1.01 -10.45
N LEU B 231 -7.89 -1.53 -11.24
CA LEU B 231 -7.17 -2.75 -10.86
C LEU B 231 -6.31 -2.51 -9.62
N TYR B 232 -5.62 -1.37 -9.56
CA TYR B 232 -4.82 -1.02 -8.39
C TYR B 232 -5.70 -0.93 -7.14
N ARG B 233 -6.85 -0.26 -7.25
CA ARG B 233 -7.71 -0.01 -6.11
C ARG B 233 -8.38 -1.27 -5.58
N ALA B 234 -8.45 -2.33 -6.40
CA ALA B 234 -9.15 -3.54 -5.97
C ALA B 234 -8.29 -4.47 -5.09
N VAL B 235 -6.99 -4.23 -4.94
CA VAL B 235 -6.12 -5.15 -4.21
C VAL B 235 -6.27 -4.91 -2.71
N GLN B 236 -6.65 -5.95 -1.96
CA GLN B 236 -6.82 -5.83 -0.51
C GLN B 236 -5.60 -6.34 0.23
N PRO B 237 -5.38 -5.93 1.49
CA PRO B 237 -4.23 -6.44 2.24
C PRO B 237 -4.22 -7.93 2.41
N SER B 238 -5.39 -8.57 2.43
CA SER B 238 -5.46 -10.03 2.57
C SER B 238 -4.72 -10.74 1.46
N GLU B 239 -4.52 -10.08 0.32
N GLU B 239 -4.54 -10.10 0.30
CA GLU B 239 -3.79 -10.66 -0.80
CA GLU B 239 -3.79 -10.69 -0.79
C GLU B 239 -2.29 -10.51 -0.66
C GLU B 239 -2.28 -10.52 -0.66
N LEU B 240 -1.82 -9.78 0.34
CA LEU B 240 -0.42 -9.41 0.50
C LEU B 240 0.22 -9.98 1.76
N VAL B 241 -0.45 -9.93 2.90
CA VAL B 241 0.17 -10.38 4.14
C VAL B 241 0.47 -11.88 4.06
N GLY B 242 1.56 -12.28 4.68
CA GLY B 242 2.01 -13.66 4.58
C GLY B 242 2.63 -14.02 3.25
N SER B 243 2.89 -13.04 2.39
CA SER B 243 3.51 -13.25 1.08
C SER B 243 2.72 -14.25 0.24
N VAL B 244 1.40 -14.26 0.39
CA VAL B 244 0.60 -15.34 -0.18
C VAL B 244 0.56 -15.29 -1.70
N TRP B 245 0.85 -14.13 -2.33
CA TRP B 245 0.85 -14.07 -3.80
C TRP B 245 2.03 -14.82 -4.42
N THR B 246 2.99 -15.25 -3.61
CA THR B 246 4.13 -16.03 -4.09
C THR B 246 4.00 -17.54 -3.84
N LYS B 247 2.99 -17.97 -3.07
CA LYS B 247 2.89 -19.35 -2.62
C LYS B 247 1.99 -20.16 -3.56
N GLU B 248 1.86 -21.47 -3.25
CA GLU B 248 1.18 -22.38 -4.17
C GLU B 248 -0.29 -22.03 -4.37
N ASP B 249 -0.95 -21.47 -3.36
CA ASP B 249 -2.36 -21.11 -3.47
C ASP B 249 -2.55 -19.65 -3.92
N LYS B 250 -1.58 -19.07 -4.62
CA LYS B 250 -1.66 -17.65 -4.96
C LYS B 250 -2.90 -17.32 -5.79
N GLU B 251 -3.36 -18.21 -6.67
CA GLU B 251 -4.56 -17.88 -7.46
C GLU B 251 -5.79 -17.75 -6.58
N ILE B 252 -5.84 -18.51 -5.48
CA ILE B 252 -6.98 -18.44 -4.56
C ILE B 252 -6.87 -17.21 -3.68
N ASN B 253 -5.67 -16.91 -3.17
CA ASN B 253 -5.53 -15.89 -2.15
C ASN B 253 -5.24 -14.51 -2.69
N SER B 254 -4.73 -14.38 -3.92
CA SER B 254 -4.33 -13.07 -4.45
C SER B 254 -4.91 -12.79 -5.85
N PRO B 255 -6.20 -13.05 -6.08
CA PRO B 255 -6.70 -12.94 -7.46
C PRO B 255 -6.72 -11.51 -8.02
N ASN B 256 -7.04 -10.51 -7.20
CA ASN B 256 -7.05 -9.14 -7.72
C ASN B 256 -5.64 -8.66 -8.02
N LEU B 257 -4.69 -8.97 -7.16
CA LEU B 257 -3.30 -8.60 -7.45
C LEU B 257 -2.84 -9.26 -8.75
N LEU B 258 -3.11 -10.56 -8.92
CA LEU B 258 -2.64 -11.24 -10.12
C LEU B 258 -3.30 -10.70 -11.37
N LYS B 259 -4.59 -10.37 -11.29
N LYS B 259 -4.59 -10.37 -11.30
CA LYS B 259 -5.27 -9.75 -12.44
CA LYS B 259 -5.26 -9.75 -12.45
C LYS B 259 -4.60 -8.43 -12.80
C LYS B 259 -4.60 -8.43 -12.81
N MET B 260 -4.24 -7.64 -11.80
CA MET B 260 -3.57 -6.36 -12.04
C MET B 260 -2.22 -6.56 -12.72
N ILE B 261 -1.41 -7.52 -12.24
CA ILE B 261 -0.10 -7.74 -12.83
C ILE B 261 -0.24 -8.28 -14.25
N ARG B 262 -1.19 -9.20 -14.47
CA ARG B 262 -1.35 -9.77 -15.81
C ARG B 262 -1.81 -8.73 -16.82
N HIS B 263 -2.62 -7.75 -16.40
CA HIS B 263 -2.93 -6.63 -17.29
C HIS B 263 -1.66 -5.89 -17.68
N THR B 264 -0.82 -5.56 -16.70
CA THR B 264 0.42 -4.84 -16.98
C THR B 264 1.33 -5.63 -17.93
N THR B 265 1.47 -6.93 -17.68
CA THR B 265 2.27 -7.77 -18.57
C THR B 265 1.68 -7.77 -19.97
N ASN B 266 0.36 -7.94 -20.08
CA ASN B 266 -0.27 -7.98 -21.41
C ASN B 266 -0.07 -6.67 -22.18
N LEU B 267 -0.21 -5.53 -21.51
CA LEU B 267 -0.06 -4.26 -22.23
C LEU B 267 1.37 -4.08 -22.70
N THR B 268 2.35 -4.43 -21.86
CA THR B 268 3.75 -4.35 -22.28
C THR B 268 3.99 -5.21 -23.51
N LEU B 269 3.50 -6.45 -23.48
CA LEU B 269 3.68 -7.34 -24.64
C LEU B 269 2.93 -6.82 -25.86
N TRP B 270 1.76 -6.21 -25.67
CA TRP B 270 1.06 -5.62 -26.81
C TRP B 270 1.87 -4.50 -27.44
N PHE B 271 2.44 -3.61 -26.62
CA PHE B 271 3.31 -2.55 -27.16
C PHE B 271 4.45 -3.17 -27.97
N GLU B 272 5.11 -4.20 -27.42
CA GLU B 272 6.20 -4.85 -28.13
C GLU B 272 5.72 -5.45 -29.45
N LYS B 273 4.56 -6.12 -29.43
CA LYS B 273 4.03 -6.75 -30.63
C LYS B 273 3.66 -5.72 -31.69
N CYS B 274 3.03 -4.61 -31.29
CA CYS B 274 2.74 -3.53 -32.25
C CYS B 274 4.01 -3.04 -32.93
N ILE B 275 5.11 -2.94 -32.17
CA ILE B 275 6.36 -2.42 -32.73
C ILE B 275 6.96 -3.41 -33.72
N VAL B 276 7.22 -4.64 -33.28
CA VAL B 276 7.98 -5.55 -34.14
C VAL B 276 7.16 -6.14 -35.28
N GLU B 277 5.83 -6.13 -35.21
CA GLU B 277 5.03 -6.58 -36.35
C GLU B 277 4.82 -5.46 -37.38
N THR B 278 5.32 -4.27 -37.13
CA THR B 278 5.33 -3.19 -38.13
C THR B 278 6.67 -3.25 -38.83
N GLU B 279 6.73 -3.96 -39.97
CA GLU B 279 8.01 -4.26 -40.60
C GLU B 279 8.58 -3.06 -41.38
N ASN B 280 7.73 -2.20 -41.93
CA ASN B 280 8.20 -1.01 -42.61
C ASN B 280 8.80 -0.04 -41.59
N LEU B 281 10.03 0.43 -41.87
CA LEU B 281 10.76 1.27 -40.91
C LEU B 281 10.01 2.56 -40.61
N GLU B 282 9.58 3.28 -41.65
CA GLU B 282 8.88 4.54 -41.43
C GLU B 282 7.60 4.33 -40.61
N GLU B 283 6.85 3.27 -40.90
CA GLU B 283 5.65 3.01 -40.10
C GLU B 283 6.02 2.62 -38.68
N ARG B 284 7.11 1.89 -38.48
CA ARG B 284 7.49 1.49 -37.13
C ARG B 284 7.91 2.69 -36.29
N VAL B 285 8.58 3.65 -36.93
CA VAL B 285 8.91 4.90 -36.24
C VAL B 285 7.64 5.60 -35.77
N ALA B 286 6.60 5.59 -36.60
CA ALA B 286 5.34 6.21 -36.19
C ALA B 286 4.71 5.48 -35.01
N VAL B 287 4.79 4.14 -35.01
CA VAL B 287 4.28 3.34 -33.89
C VAL B 287 5.02 3.68 -32.60
N VAL B 288 6.35 3.67 -32.64
CA VAL B 288 7.12 3.96 -31.43
C VAL B 288 6.84 5.38 -30.94
N SER B 289 6.80 6.33 -31.87
N SER B 289 6.80 6.35 -31.86
CA SER B 289 6.49 7.72 -31.51
CA SER B 289 6.49 7.73 -31.47
C SER B 289 5.14 7.83 -30.82
C SER B 289 5.13 7.82 -30.80
N ARG B 290 4.13 7.10 -31.32
CA ARG B 290 2.80 7.15 -30.71
C ARG B 290 2.83 6.56 -29.31
N ILE B 291 3.59 5.49 -29.10
CA ILE B 291 3.64 4.91 -27.75
C ILE B 291 4.30 5.88 -26.78
N ILE B 292 5.32 6.62 -27.24
CA ILE B 292 5.95 7.61 -26.35
C ILE B 292 4.98 8.76 -26.05
N GLU B 293 4.12 9.12 -27.00
CA GLU B 293 3.08 10.12 -26.70
C GLU B 293 2.12 9.60 -25.65
N ILE B 294 1.73 8.33 -25.74
CA ILE B 294 0.86 7.74 -24.70
C ILE B 294 1.58 7.80 -23.35
N LEU B 295 2.88 7.49 -23.34
N LEU B 295 2.87 7.47 -23.34
CA LEU B 295 3.68 7.61 -22.12
CA LEU B 295 3.70 7.62 -22.14
C LEU B 295 3.64 9.03 -21.57
C LEU B 295 3.59 9.03 -21.57
N GLN B 296 3.70 10.04 -22.45
CA GLN B 296 3.64 11.44 -21.98
C GLN B 296 2.34 11.72 -21.25
N VAL B 297 1.22 11.21 -21.75
CA VAL B 297 -0.06 11.44 -21.08
C VAL B 297 -0.15 10.63 -19.78
N PHE B 298 0.36 9.40 -19.77
CA PHE B 298 0.49 8.65 -18.53
C PHE B 298 1.22 9.48 -17.47
N GLN B 299 2.34 10.10 -17.85
CA GLN B 299 3.07 10.94 -16.90
C GLN B 299 2.20 12.09 -16.40
N GLU B 300 1.48 12.75 -17.32
CA GLU B 300 0.63 13.86 -16.90
C GLU B 300 -0.46 13.40 -15.94
N LEU B 301 -0.93 12.16 -16.09
CA LEU B 301 -1.97 11.60 -15.22
C LEU B 301 -1.43 10.94 -13.95
N ASN B 302 -0.12 10.97 -13.73
CA ASN B 302 0.50 10.25 -12.59
C ASN B 302 0.17 8.75 -12.63
N ASN B 303 0.01 8.17 -13.83
CA ASN B 303 -0.19 6.72 -13.92
C ASN B 303 1.20 6.11 -14.07
N PHE B 304 1.83 5.82 -12.94
CA PHE B 304 3.20 5.28 -12.99
C PHE B 304 3.24 3.83 -13.44
N ASN B 305 2.19 3.06 -13.16
CA ASN B 305 2.09 1.73 -13.76
C ASN B 305 2.16 1.82 -15.27
N GLY B 306 1.37 2.74 -15.85
CA GLY B 306 1.38 2.92 -17.30
C GLY B 306 2.73 3.36 -17.82
N VAL B 307 3.36 4.33 -17.15
CA VAL B 307 4.71 4.76 -17.51
C VAL B 307 5.64 3.55 -17.60
N LEU B 308 5.61 2.69 -16.58
CA LEU B 308 6.57 1.59 -16.60
C LEU B 308 6.17 0.48 -17.58
N GLU B 309 4.87 0.33 -17.87
CA GLU B 309 4.47 -0.58 -18.95
C GLU B 309 5.19 -0.21 -20.24
N VAL B 310 5.30 1.09 -20.52
CA VAL B 310 5.96 1.55 -21.74
C VAL B 310 7.48 1.37 -21.62
N VAL B 311 8.05 1.80 -20.49
CA VAL B 311 9.49 1.66 -20.29
C VAL B 311 9.93 0.21 -20.41
N SER B 312 9.19 -0.71 -19.77
CA SER B 312 9.50 -2.13 -19.88
C SER B 312 9.48 -2.61 -21.33
N ALA B 313 8.51 -2.13 -22.12
CA ALA B 313 8.44 -2.55 -23.51
C ALA B 313 9.64 -2.02 -24.29
N MET B 314 10.05 -0.78 -24.04
CA MET B 314 11.16 -0.21 -24.79
C MET B 314 12.50 -0.84 -24.40
N ASN B 315 12.60 -1.37 -23.17
CA ASN B 315 13.81 -2.04 -22.75
C ASN B 315 13.80 -3.55 -22.99
N SER B 316 12.73 -4.09 -23.56
CA SER B 316 12.69 -5.52 -23.83
C SER B 316 13.71 -5.86 -24.91
N SER B 317 14.18 -7.12 -24.87
CA SER B 317 15.15 -7.55 -25.89
C SER B 317 14.71 -7.30 -27.32
N PRO B 318 13.45 -7.58 -27.72
CA PRO B 318 13.09 -7.35 -29.14
C PRO B 318 13.13 -5.89 -29.55
N VAL B 319 12.80 -4.96 -28.65
CA VAL B 319 12.64 -3.57 -29.04
C VAL B 319 13.94 -2.79 -28.85
N TYR B 320 14.63 -3.05 -27.73
CA TYR B 320 15.82 -2.29 -27.37
C TYR B 320 16.86 -2.27 -28.49
N ARG B 321 16.98 -3.36 -29.25
CA ARG B 321 18.01 -3.49 -30.28
C ARG B 321 17.68 -2.81 -31.61
N LEU B 322 16.53 -2.16 -31.73
CA LEU B 322 16.10 -1.60 -33.04
C LEU B 322 16.72 -0.23 -33.27
N ASP B 323 18.04 -0.24 -33.47
CA ASP B 323 18.80 1.01 -33.57
C ASP B 323 18.33 1.90 -34.72
N HIS B 324 17.94 1.29 -35.85
CA HIS B 324 17.48 2.10 -36.98
C HIS B 324 16.18 2.83 -36.65
N THR B 325 15.34 2.23 -35.82
CA THR B 325 14.09 2.88 -35.42
C THR B 325 14.35 4.00 -34.44
N PHE B 326 15.13 3.70 -33.40
CA PHE B 326 15.31 4.73 -32.40
CA PHE B 326 15.46 4.66 -32.34
C PHE B 326 16.17 5.88 -32.91
N GLU B 327 16.99 5.67 -33.94
CA GLU B 327 17.72 6.78 -34.54
C GLU B 327 16.80 7.84 -35.11
N GLN B 328 15.61 7.46 -35.60
CA GLN B 328 14.70 8.41 -36.21
C GLN B 328 13.68 8.99 -35.23
N ILE B 329 13.68 8.58 -33.96
CA ILE B 329 12.73 9.17 -33.00
C ILE B 329 13.16 10.62 -32.74
N PRO B 330 12.22 11.57 -32.80
CA PRO B 330 12.59 12.97 -32.54
C PRO B 330 13.24 13.16 -31.17
N SER B 331 14.12 14.15 -31.10
N SER B 331 14.15 14.14 -31.10
CA SER B 331 14.92 14.37 -29.89
CA SER B 331 14.92 14.36 -29.88
C SER B 331 14.04 14.65 -28.67
C SER B 331 14.03 14.63 -28.67
N ARG B 332 12.95 15.40 -28.85
CA ARG B 332 12.09 15.71 -27.72
C ARG B 332 11.42 14.45 -27.17
N GLN B 333 11.16 13.46 -28.02
CA GLN B 333 10.55 12.22 -27.56
C GLN B 333 11.58 11.29 -26.94
N LYS B 334 12.80 11.25 -27.48
CA LYS B 334 13.88 10.55 -26.80
C LYS B 334 14.05 11.08 -25.39
N LYS B 335 13.93 12.40 -25.23
CA LYS B 335 14.09 12.99 -23.90
C LYS B 335 12.97 12.55 -22.96
N ILE B 336 11.73 12.49 -23.46
CA ILE B 336 10.62 12.02 -22.62
C ILE B 336 10.86 10.58 -22.18
N LEU B 337 11.27 9.73 -23.12
CA LEU B 337 11.48 8.32 -22.79
C LEU B 337 12.65 8.15 -21.83
N GLU B 338 13.73 8.90 -22.05
CA GLU B 338 14.89 8.82 -21.16
C GLU B 338 14.52 9.22 -19.74
N GLU B 339 13.77 10.32 -19.59
CA GLU B 339 13.34 10.74 -18.26
C GLU B 339 12.52 9.65 -17.57
N ALA B 340 11.62 8.99 -18.31
CA ALA B 340 10.82 7.92 -17.72
C ALA B 340 11.68 6.71 -17.36
N HIS B 341 12.63 6.35 -18.23
CA HIS B 341 13.55 5.27 -17.91
C HIS B 341 14.33 5.56 -16.62
N GLU B 342 14.78 6.81 -16.44
CA GLU B 342 15.56 7.15 -15.26
C GLU B 342 14.78 7.02 -13.96
N LEU B 343 13.45 7.01 -14.02
CA LEU B 343 12.68 6.76 -12.79
C LEU B 343 13.07 5.43 -12.16
N SER B 344 13.41 4.42 -12.99
CA SER B 344 13.69 3.09 -12.49
C SER B 344 15.13 2.90 -12.04
N GLU B 345 16.04 3.77 -12.47
CA GLU B 345 17.45 3.59 -12.17
C GLU B 345 17.72 3.70 -10.67
N ASP B 346 18.85 3.13 -10.25
CA ASP B 346 19.29 3.18 -8.86
C ASP B 346 18.21 2.70 -7.91
N HIS B 347 17.61 1.55 -8.24
CA HIS B 347 16.59 0.93 -7.39
C HIS B 347 15.39 1.86 -7.19
N TYR B 348 14.95 2.47 -8.30
CA TYR B 348 13.72 3.28 -8.34
C TYR B 348 13.84 4.56 -7.51
N LYS B 349 15.06 5.06 -7.32
CA LYS B 349 15.26 6.24 -6.48
C LYS B 349 14.38 7.41 -6.93
N LYS B 350 14.38 7.73 -8.23
CA LYS B 350 13.64 8.90 -8.70
C LYS B 350 12.14 8.62 -8.73
N TYR B 351 11.73 7.39 -9.05
CA TYR B 351 10.32 7.05 -8.96
C TYR B 351 9.79 7.27 -7.55
N LEU B 352 10.54 6.81 -6.54
CA LEU B 352 10.03 6.89 -5.17
C LEU B 352 9.86 8.34 -4.75
N ALA B 353 10.82 9.19 -5.09
CA ALA B 353 10.72 10.61 -4.80
C ALA B 353 9.55 11.25 -5.54
N LYS B 354 9.34 10.87 -6.80
CA LYS B 354 8.26 11.49 -7.57
C LYS B 354 6.89 11.08 -7.03
N LEU B 355 6.72 9.79 -6.70
CA LEU B 355 5.44 9.33 -6.15
C LEU B 355 5.08 10.13 -4.89
N ARG B 356 6.07 10.40 -4.06
CA ARG B 356 5.86 11.10 -2.79
C ARG B 356 5.71 12.60 -2.97
N SER B 357 5.86 13.13 -4.18
CA SER B 357 5.72 14.56 -4.40
C SER B 357 4.47 14.95 -5.19
N ILE B 358 3.85 14.04 -5.94
CA ILE B 358 2.78 14.45 -6.85
C ILE B 358 1.49 14.68 -6.06
N ASN B 359 0.49 15.24 -6.74
CA ASN B 359 -0.83 15.43 -6.18
C ASN B 359 -1.70 14.30 -6.71
N PRO B 360 -2.18 13.39 -5.87
CA PRO B 360 -3.05 12.31 -6.39
C PRO B 360 -4.31 12.88 -7.01
N PRO B 361 -5.03 12.09 -7.81
CA PRO B 361 -4.90 10.64 -7.99
C PRO B 361 -3.67 10.20 -8.77
N CYS B 362 -3.21 8.98 -8.48
CA CYS B 362 -2.09 8.36 -9.19
C CYS B 362 -2.35 6.86 -9.26
N VAL B 363 -1.58 6.18 -10.09
CA VAL B 363 -1.51 4.72 -10.10
C VAL B 363 -0.08 4.31 -9.81
N PRO B 364 0.22 3.88 -8.58
CA PRO B 364 1.58 3.42 -8.27
C PRO B 364 1.96 2.18 -9.05
N PHE B 365 3.27 1.96 -9.18
CA PHE B 365 3.79 0.66 -9.60
C PHE B 365 3.79 -0.28 -8.38
N PHE B 366 3.10 -1.42 -8.48
CA PHE B 366 2.94 -2.30 -7.32
C PHE B 366 4.19 -3.11 -7.01
N GLY B 367 5.08 -3.33 -7.97
CA GLY B 367 6.15 -4.31 -7.78
C GLY B 367 7.06 -4.00 -6.59
N ILE B 368 7.36 -2.73 -6.37
CA ILE B 368 8.26 -2.36 -5.26
C ILE B 368 7.63 -2.74 -3.93
N TYR B 369 6.33 -2.49 -3.78
CA TYR B 369 5.63 -2.88 -2.56
C TYR B 369 5.74 -4.38 -2.31
N LEU B 370 5.57 -5.18 -3.36
CA LEU B 370 5.61 -6.64 -3.22
C LEU B 370 6.99 -7.09 -2.74
N THR B 371 8.04 -6.59 -3.37
CA THR B 371 9.39 -6.95 -2.94
C THR B 371 9.63 -6.54 -1.49
N ASN B 372 9.19 -5.34 -1.11
CA ASN B 372 9.44 -4.89 0.26
C ASN B 372 8.64 -5.66 1.29
N ILE B 373 7.39 -6.02 0.98
CA ILE B 373 6.63 -6.87 1.92
C ILE B 373 7.31 -8.23 2.06
N LEU B 374 7.68 -8.83 0.93
N LEU B 374 7.67 -8.84 0.93
CA LEU B 374 8.28 -10.17 0.96
CA LEU B 374 8.28 -10.16 0.97
C LEU B 374 9.59 -10.18 1.75
C LEU B 374 9.58 -10.17 1.78
N LYS B 375 10.46 -9.19 1.51
CA LYS B 375 11.75 -9.16 2.19
C LYS B 375 11.59 -8.81 3.67
N THR B 376 10.60 -7.99 4.02
CA THR B 376 10.32 -7.73 5.42
C THR B 376 9.88 -9.00 6.12
N GLU B 377 9.00 -9.79 5.49
N GLU B 377 9.04 -9.81 5.47
CA GLU B 377 8.57 -11.05 6.06
CA GLU B 377 8.58 -11.03 6.11
C GLU B 377 9.74 -12.01 6.20
C GLU B 377 9.67 -12.10 6.15
N GLU B 378 10.52 -12.15 5.12
CA GLU B 378 11.57 -13.16 5.09
C GLU B 378 12.76 -12.79 5.96
N GLY B 379 13.02 -11.50 6.17
CA GLY B 379 14.22 -11.05 6.85
C GLY B 379 14.08 -10.74 8.33
N ASN B 380 12.93 -11.01 8.95
CA ASN B 380 12.73 -10.73 10.36
C ASN B 380 12.09 -11.94 11.01
N PRO B 381 12.47 -12.28 12.24
CA PRO B 381 11.89 -13.47 12.89
C PRO B 381 10.48 -13.24 13.40
N GLU B 382 9.70 -14.32 13.44
CA GLU B 382 8.34 -14.25 13.97
C GLU B 382 8.32 -13.93 15.46
N VAL B 383 9.28 -14.46 16.22
CA VAL B 383 9.30 -14.25 17.66
C VAL B 383 10.67 -13.75 18.09
N LEU B 384 10.69 -13.08 19.24
CA LEU B 384 11.92 -12.71 19.94
C LEU B 384 11.97 -13.50 21.24
N LYS B 385 13.14 -14.07 21.56
CA LYS B 385 13.31 -14.85 22.78
C LYS B 385 13.95 -13.97 23.84
N ARG B 386 13.28 -13.83 24.99
CA ARG B 386 13.71 -12.95 26.07
C ARG B 386 13.38 -13.63 27.39
N HIS B 387 14.38 -13.82 28.24
CA HIS B 387 14.19 -14.35 29.59
C HIS B 387 13.44 -15.68 29.57
N GLY B 388 13.77 -16.53 28.59
CA GLY B 388 13.12 -17.82 28.43
C GLY B 388 11.75 -17.80 27.80
N LYS B 389 11.21 -16.64 27.46
CA LYS B 389 9.89 -16.52 26.88
C LYS B 389 9.99 -16.21 25.39
N GLU B 390 9.01 -16.66 24.63
CA GLU B 390 8.90 -16.28 23.22
C GLU B 390 7.86 -15.18 23.11
N LEU B 391 8.30 -14.00 22.67
CA LEU B 391 7.41 -12.86 22.48
C LEU B 391 7.16 -12.66 20.98
N ILE B 392 5.92 -12.32 20.64
CA ILE B 392 5.58 -11.98 19.25
C ILE B 392 6.38 -10.77 18.79
N ASN B 393 7.10 -10.90 17.67
CA ASN B 393 7.88 -9.79 17.14
C ASN B 393 6.92 -8.86 16.43
N PHE B 394 6.42 -7.85 17.17
CA PHE B 394 5.40 -6.98 16.58
C PHE B 394 6.00 -5.91 15.68
N SER B 395 7.26 -5.53 15.89
N SER B 395 7.26 -5.53 15.90
CA SER B 395 7.88 -4.55 15.01
CA SER B 395 7.91 -4.56 15.03
C SER B 395 7.87 -5.02 13.56
C SER B 395 7.89 -5.02 13.57
N LYS B 396 8.04 -6.32 13.35
CA LYS B 396 8.00 -6.87 11.99
C LYS B 396 6.63 -6.65 11.35
N ARG B 397 5.56 -6.86 12.12
CA ARG B 397 4.21 -6.67 11.59
C ARG B 397 3.93 -5.20 11.32
N ARG B 398 4.44 -4.32 12.19
CA ARG B 398 4.27 -2.88 11.96
C ARG B 398 4.92 -2.46 10.65
N LYS B 399 6.10 -3.01 10.33
CA LYS B 399 6.76 -2.68 9.07
C LYS B 399 5.92 -3.12 7.87
N VAL B 400 5.35 -4.34 7.93
CA VAL B 400 4.47 -4.78 6.86
C VAL B 400 3.25 -3.86 6.72
N ALA B 401 2.64 -3.50 7.84
CA ALA B 401 1.45 -2.65 7.81
C ALA B 401 1.77 -1.21 7.38
N GLU B 402 3.00 -0.75 7.55
CA GLU B 402 3.35 0.56 6.99
C GLU B 402 3.28 0.52 5.47
N ILE B 403 3.66 -0.63 4.88
CA ILE B 403 3.58 -0.75 3.44
C ILE B 403 2.13 -0.89 2.97
N THR B 404 1.33 -1.75 3.63
CA THR B 404 -0.05 -1.87 3.20
C THR B 404 -0.81 -0.56 3.42
N GLY B 405 -0.43 0.21 4.45
CA GLY B 405 -1.06 1.51 4.66
C GLY B 405 -0.72 2.52 3.56
N GLU B 406 0.53 2.48 3.09
N GLU B 406 0.53 2.50 3.10
CA GLU B 406 0.91 3.35 1.96
CA GLU B 406 0.88 3.36 1.97
C GLU B 406 0.14 2.97 0.71
C GLU B 406 0.07 2.98 0.74
N ILE B 407 -0.02 1.67 0.45
CA ILE B 407 -0.84 1.20 -0.66
C ILE B 407 -2.26 1.75 -0.53
N GLN B 408 -2.88 1.58 0.65
CA GLN B 408 -4.27 2.00 0.79
C GLN B 408 -4.43 3.50 0.64
N GLN B 409 -3.43 4.29 1.06
CA GLN B 409 -3.55 5.74 0.95
C GLN B 409 -3.73 6.18 -0.50
N TYR B 410 -3.02 5.52 -1.44
CA TYR B 410 -3.18 5.88 -2.85
C TYR B 410 -4.41 5.23 -3.49
N GLN B 411 -5.11 4.35 -2.78
CA GLN B 411 -6.33 3.74 -3.31
C GLN B 411 -7.56 4.59 -3.10
N ASN B 412 -7.46 5.73 -2.41
CA ASN B 412 -8.67 6.45 -2.03
C ASN B 412 -9.18 7.38 -3.13
N GLN B 413 -8.26 8.02 -3.85
CA GLN B 413 -8.59 9.15 -4.72
C GLN B 413 -9.01 8.68 -6.12
N PRO B 414 -10.21 9.00 -6.58
CA PRO B 414 -10.64 8.55 -7.91
C PRO B 414 -10.27 9.55 -9.00
N TYR B 415 -10.14 9.04 -10.22
CA TYR B 415 -9.83 9.88 -11.37
C TYR B 415 -11.09 10.55 -11.92
N CYS B 416 -10.98 11.85 -12.24
CA CYS B 416 -12.07 12.59 -12.85
C CYS B 416 -11.97 12.47 -14.37
N LEU B 417 -12.24 11.26 -14.86
CA LEU B 417 -12.19 10.93 -16.28
C LEU B 417 -13.41 10.10 -16.61
N ARG B 418 -13.99 10.32 -17.79
CA ARG B 418 -15.18 9.58 -18.18
C ARG B 418 -14.80 8.25 -18.82
N VAL B 419 -15.51 7.18 -18.46
CA VAL B 419 -15.30 5.89 -19.10
C VAL B 419 -15.88 5.90 -20.50
N GLU B 420 -15.16 5.33 -21.46
CA GLU B 420 -15.72 5.02 -22.78
C GLU B 420 -15.82 3.50 -22.86
N SER B 421 -17.06 2.99 -22.83
N SER B 421 -17.05 2.98 -22.83
CA SER B 421 -17.28 1.55 -22.62
CA SER B 421 -17.24 1.55 -22.60
C SER B 421 -16.65 0.70 -23.71
C SER B 421 -16.64 0.70 -23.71
N ASP B 422 -16.68 1.17 -24.95
CA ASP B 422 -16.09 0.41 -26.05
C ASP B 422 -14.55 0.40 -25.98
N ILE B 423 -13.94 1.55 -25.71
CA ILE B 423 -12.48 1.56 -25.58
C ILE B 423 -12.06 0.73 -24.38
N LYS B 424 -12.81 0.80 -23.29
N LYS B 424 -12.81 0.81 -23.29
CA LYS B 424 -12.52 -0.02 -22.12
CA LYS B 424 -12.55 -0.01 -22.11
C LYS B 424 -12.56 -1.50 -22.46
C LYS B 424 -12.55 -1.49 -22.47
N ARG B 425 -13.59 -1.94 -23.18
CA ARG B 425 -13.69 -3.34 -23.55
C ARG B 425 -12.56 -3.76 -24.49
N PHE B 426 -12.19 -2.89 -25.44
CA PHE B 426 -11.06 -3.19 -26.31
C PHE B 426 -9.79 -3.51 -25.51
N PHE B 427 -9.48 -2.70 -24.50
CA PHE B 427 -8.26 -2.96 -23.74
C PHE B 427 -8.44 -4.10 -22.74
N GLU B 428 -9.67 -4.32 -22.25
CA GLU B 428 -9.91 -5.48 -21.38
C GLU B 428 -9.70 -6.79 -22.14
N ASN B 429 -10.00 -6.81 -23.43
CA ASN B 429 -9.95 -8.05 -24.20
C ASN B 429 -8.66 -8.22 -24.99
N LEU B 430 -7.72 -7.28 -24.85
CA LEU B 430 -6.42 -7.41 -25.50
C LEU B 430 -5.76 -8.73 -25.12
N ASN B 431 -5.24 -9.47 -26.11
CA ASN B 431 -4.65 -10.78 -25.86
C ASN B 431 -3.51 -11.02 -26.84
N PRO B 432 -2.40 -10.29 -26.69
CA PRO B 432 -1.34 -10.37 -27.70
C PRO B 432 -0.76 -11.76 -27.87
N MET B 433 -0.72 -12.58 -26.81
CA MET B 433 -0.13 -13.91 -26.94
C MET B 433 -1.05 -14.91 -27.63
N GLY B 434 -2.33 -14.60 -27.77
CA GLY B 434 -3.24 -15.58 -28.37
C GLY B 434 -3.23 -16.87 -27.56
N ASN B 435 -3.16 -18.01 -28.25
CA ASN B 435 -3.06 -19.30 -27.59
C ASN B 435 -1.63 -19.76 -27.32
N SER B 436 -0.64 -18.94 -27.65
CA SER B 436 0.75 -19.34 -27.53
C SER B 436 1.22 -19.30 -26.08
N MET B 437 2.13 -20.21 -25.74
CA MET B 437 2.78 -20.14 -24.44
C MET B 437 3.81 -19.01 -24.44
N GLU B 438 4.25 -18.64 -23.23
CA GLU B 438 5.10 -17.47 -23.06
C GLU B 438 6.41 -17.60 -23.84
N LYS B 439 7.10 -18.73 -23.72
CA LYS B 439 8.41 -18.83 -24.36
C LYS B 439 8.27 -18.77 -25.87
N GLU B 440 7.31 -19.51 -26.41
CA GLU B 440 7.03 -19.49 -27.85
C GLU B 440 6.71 -18.07 -28.33
N PHE B 441 5.91 -17.34 -27.56
CA PHE B 441 5.56 -15.98 -27.97
C PHE B 441 6.74 -15.01 -27.88
N THR B 442 7.51 -15.05 -26.78
CA THR B 442 8.61 -14.09 -26.71
C THR B 442 9.75 -14.45 -27.68
N ASP B 443 9.92 -15.73 -28.02
CA ASP B 443 10.86 -16.07 -29.10
C ASP B 443 10.36 -15.56 -30.44
N TYR B 444 9.05 -15.63 -30.68
CA TYR B 444 8.47 -15.07 -31.90
C TYR B 444 8.77 -13.58 -32.01
N LEU B 445 8.57 -12.82 -30.92
CA LEU B 445 8.84 -11.38 -30.96
C LEU B 445 10.31 -11.11 -31.25
N PHE B 446 11.21 -11.88 -30.65
CA PHE B 446 12.63 -11.63 -30.89
C PHE B 446 13.01 -11.99 -32.32
N ASN B 447 12.44 -13.07 -32.86
CA ASN B 447 12.74 -13.42 -34.24
C ASN B 447 12.19 -12.39 -35.22
N LYS B 448 11.02 -11.78 -34.91
N LYS B 448 11.06 -11.78 -34.88
CA LYS B 448 10.54 -10.69 -35.73
CA LYS B 448 10.52 -10.70 -35.69
C LYS B 448 11.53 -9.52 -35.69
C LYS B 448 11.45 -9.48 -35.67
N SER B 449 12.03 -9.19 -34.50
CA SER B 449 13.03 -8.13 -34.39
C SER B 449 14.22 -8.39 -35.29
N LEU B 450 14.74 -9.62 -35.25
CA LEU B 450 15.85 -9.99 -36.12
C LEU B 450 15.48 -9.89 -37.60
N GLU B 451 14.24 -10.19 -37.95
CA GLU B 451 13.83 -10.09 -39.35
C GLU B 451 13.83 -8.64 -39.84
N ILE B 452 13.25 -7.72 -39.04
CA ILE B 452 13.04 -6.36 -39.51
C ILE B 452 14.32 -5.53 -39.41
N GLU B 453 15.23 -5.85 -38.48
CA GLU B 453 16.53 -5.18 -38.39
C GLU B 453 17.57 -6.24 -38.09
N PRO B 454 18.12 -6.88 -39.12
CA PRO B 454 19.06 -7.98 -38.90
C PRO B 454 20.35 -7.53 -38.23
N ARG B 455 21.00 -8.49 -37.55
N ARG B 455 20.99 -8.48 -37.54
CA ARG B 455 22.30 -8.23 -36.95
CA ARG B 455 22.31 -8.24 -36.95
C ARG B 455 23.32 -7.86 -38.02
C ARG B 455 23.31 -7.87 -38.01
N ASN B 456 24.13 -6.85 -37.73
CA ASN B 456 25.24 -6.53 -38.60
C ASN B 456 26.15 -7.76 -38.73
N PRO B 457 26.75 -8.00 -39.90
CA PRO B 457 26.74 -7.14 -41.08
C PRO B 457 25.66 -7.44 -42.12
N LYS B 458 24.60 -8.18 -41.77
CA LYS B 458 23.52 -8.43 -42.70
C LYS B 458 22.91 -7.09 -43.13
N PRO B 459 22.56 -6.94 -44.41
CA PRO B 459 21.97 -5.67 -44.86
C PRO B 459 20.55 -5.49 -44.34
N LEU B 460 20.18 -4.24 -44.19
CA LEU B 460 18.82 -3.90 -43.75
C LEU B 460 17.87 -4.04 -44.92
N PRO B 461 16.85 -4.90 -44.84
CA PRO B 461 15.88 -5.03 -45.92
C PRO B 461 14.87 -3.89 -45.89
N ARG B 462 14.09 -3.81 -46.97
CA ARG B 462 12.95 -2.93 -47.09
C ARG B 462 11.67 -3.75 -46.97
N PHE B 463 10.61 -3.16 -46.43
CA PHE B 463 9.35 -3.86 -46.26
C PHE B 463 8.20 -2.96 -46.69
N PRO B 464 7.13 -3.54 -47.24
CA PRO B 464 5.98 -2.72 -47.65
C PRO B 464 5.19 -2.19 -46.46
N LYS B 465 4.51 -1.06 -46.70
CA LYS B 465 3.61 -0.49 -45.70
C LYS B 465 2.45 -1.43 -45.42
N LYS B 466 1.96 -1.40 -44.18
CA LYS B 466 0.77 -2.17 -43.79
C LYS B 466 -0.44 -1.32 -43.42
N TYR B 467 -0.26 -0.03 -43.15
CA TYR B 467 -1.36 0.83 -42.71
C TYR B 467 -1.88 1.65 -43.89
N SER B 468 -3.19 1.65 -44.10
CA SER B 468 -3.80 2.40 -45.20
C SER B 468 -4.28 3.78 -44.78
N TYR B 469 -4.22 4.12 -43.50
CA TYR B 469 -4.69 5.39 -42.98
C TYR B 469 -3.53 6.31 -42.64
N PRO B 470 -3.78 7.61 -42.40
CA PRO B 470 -2.67 8.52 -42.11
C PRO B 470 -1.96 8.14 -40.82
N LEU B 471 -0.63 8.25 -40.84
CA LEU B 471 0.21 7.98 -39.68
C LEU B 471 0.45 9.21 -38.81
N LYS B 472 0.09 10.40 -39.28
CA LYS B 472 0.35 11.61 -38.51
C LYS B 472 -0.44 11.60 -37.20
N SER B 473 0.27 11.83 -36.09
CA SER B 473 -0.40 11.86 -34.80
C SER B 473 -1.23 13.13 -34.64
N PRO B 474 -2.40 13.04 -33.98
CA PRO B 474 -3.12 14.27 -33.62
C PRO B 474 -2.48 14.99 -32.43
N GLY B 475 -1.44 14.42 -31.80
CA GLY B 475 -0.79 15.03 -30.66
C GLY B 475 -1.51 14.73 -29.36
N VAL B 476 -0.93 15.22 -28.26
CA VAL B 476 -1.47 14.87 -26.95
C VAL B 476 -1.89 16.10 -26.15
N ARG B 477 -2.08 17.24 -26.82
CA ARG B 477 -2.70 18.36 -26.13
C ARG B 477 -4.22 18.31 -26.34
N PRO B 478 -5.01 18.41 -25.27
CA PRO B 478 -6.47 18.21 -25.41
C PRO B 478 -7.15 19.38 -26.11
N SER B 479 -8.28 19.08 -26.74
CA SER B 479 -9.11 20.05 -27.43
C SER B 479 -10.36 20.31 -26.61
N ASN B 480 -11.00 21.45 -26.83
CA ASN B 480 -12.20 21.81 -26.07
C ASN B 480 -13.14 22.66 -26.92
N PRO B 481 -14.10 22.03 -27.59
CA PRO B 481 -15.19 22.79 -28.22
C PRO B 481 -16.17 23.25 -27.15
N ARG B 482 -17.05 24.17 -27.55
CA ARG B 482 -18.04 24.68 -26.60
C ARG B 482 -19.02 23.56 -26.26
N GLY C 1 37.53 5.66 -7.50
CA GLY C 1 38.09 4.83 -6.45
C GLY C 1 37.85 3.35 -6.64
N MET C 2 37.07 2.75 -5.74
CA MET C 2 36.90 1.31 -5.75
C MET C 2 35.84 0.89 -6.76
N THR C 3 36.05 -0.30 -7.32
CA THR C 3 35.14 -0.83 -8.31
C THR C 3 33.79 -1.18 -7.69
N GLU C 4 32.72 -0.90 -8.42
CA GLU C 4 31.37 -1.29 -8.05
C GLU C 4 30.90 -2.37 -9.01
N TYR C 5 30.35 -3.45 -8.47
CA TYR C 5 29.82 -4.54 -9.27
C TYR C 5 28.29 -4.56 -9.15
N LYS C 6 27.62 -4.55 -10.28
CA LYS C 6 26.16 -4.61 -10.32
C LYS C 6 25.77 -6.06 -10.54
N LEU C 7 25.27 -6.70 -9.47
CA LEU C 7 24.88 -8.10 -9.49
C LEU C 7 23.36 -8.22 -9.48
N VAL C 8 22.85 -9.23 -10.20
CA VAL C 8 21.40 -9.45 -10.31
C VAL C 8 21.10 -10.89 -9.92
N VAL C 9 20.14 -11.05 -9.00
CA VAL C 9 19.65 -12.35 -8.57
C VAL C 9 18.42 -12.69 -9.40
N VAL C 10 18.40 -13.89 -10.00
CA VAL C 10 17.25 -14.34 -10.77
C VAL C 10 16.87 -15.76 -10.33
N GLY C 11 15.60 -16.10 -10.47
CA GLY C 11 15.16 -17.44 -10.17
C GLY C 11 13.70 -17.48 -9.77
N ALA C 12 13.18 -18.71 -9.71
CA ALA C 12 11.77 -18.93 -9.40
C ALA C 12 11.36 -18.29 -8.08
N GLY C 13 10.12 -17.84 -8.01
CA GLY C 13 9.60 -17.29 -6.78
C GLY C 13 9.07 -18.37 -5.84
N GLY C 14 8.72 -17.92 -4.64
CA GLY C 14 8.01 -18.74 -3.66
C GLY C 14 8.84 -19.82 -2.99
N VAL C 15 10.16 -19.82 -3.18
CA VAL C 15 10.98 -20.89 -2.63
C VAL C 15 12.22 -20.33 -1.93
N GLY C 16 12.09 -19.14 -1.32
CA GLY C 16 13.13 -18.64 -0.43
C GLY C 16 14.33 -17.98 -1.08
N LYS C 17 14.23 -17.62 -2.36
CA LYS C 17 15.34 -16.97 -3.07
C LYS C 17 15.88 -15.73 -2.34
N SER C 18 14.98 -14.93 -1.74
CA SER C 18 15.41 -13.65 -1.14
C SER C 18 16.34 -13.82 0.05
N ALA C 19 16.41 -15.03 0.62
CA ALA C 19 17.25 -15.24 1.80
C ALA C 19 18.72 -15.06 1.48
N LEU C 20 19.11 -15.33 0.23
N LEU C 20 19.12 -15.29 0.22
CA LEU C 20 20.51 -15.20 -0.19
CA LEU C 20 20.52 -15.20 -0.15
C LEU C 20 21.03 -13.79 0.09
C LEU C 20 21.08 -13.79 0.04
N THR C 21 20.40 -12.78 -0.50
CA THR C 21 20.89 -11.42 -0.37
C THR C 21 20.65 -10.86 1.03
N ILE C 22 19.49 -11.17 1.62
CA ILE C 22 19.20 -10.73 2.98
C ILE C 22 20.31 -11.19 3.92
N GLN C 23 20.71 -12.47 3.82
CA GLN C 23 21.71 -12.96 4.76
C GLN C 23 23.07 -12.34 4.49
N LEU C 24 23.39 -12.08 3.21
CA LEU C 24 24.65 -11.43 2.88
C LEU C 24 24.70 -10.03 3.46
N ILE C 25 23.74 -9.19 3.04
CA ILE C 25 23.72 -7.77 3.36
C ILE C 25 23.44 -7.56 4.82
N GLN C 26 22.75 -8.51 5.45
CA GLN C 26 22.31 -8.36 6.83
C GLN C 26 23.47 -7.95 7.70
N ASN C 27 23.15 -7.19 8.75
CA ASN C 27 23.86 -7.41 9.99
C ASN C 27 23.97 -8.92 10.07
N HIS C 28 25.12 -9.47 9.63
CA HIS C 28 25.29 -10.92 9.63
C HIS C 28 24.79 -11.52 10.93
N PHE C 29 25.11 -10.88 12.06
CA PHE C 29 24.90 -11.43 13.38
C PHE C 29 23.68 -10.88 14.09
N VAL C 30 22.85 -10.06 13.46
CA VAL C 30 21.54 -9.77 14.02
C VAL C 30 20.50 -10.01 12.94
N ASP C 31 19.55 -10.89 13.23
CA ASP C 31 18.56 -11.35 12.24
C ASP C 31 17.42 -10.35 12.18
N GLU C 32 17.63 -9.33 11.35
CA GLU C 32 16.75 -8.16 11.26
C GLU C 32 16.95 -7.52 9.87
N TYR C 33 15.93 -6.78 9.42
CA TYR C 33 16.01 -6.25 8.07
C TYR C 33 14.94 -5.19 7.84
N ASP C 34 15.34 -4.08 7.21
CA ASP C 34 14.38 -3.16 6.61
C ASP C 34 14.78 -2.95 5.16
N PRO C 35 14.04 -3.55 4.20
CA PRO C 35 14.45 -3.43 2.79
C PRO C 35 14.16 -2.07 2.21
N THR C 36 13.31 -1.25 2.85
CA THR C 36 13.00 0.05 2.31
C THR C 36 14.14 1.03 2.51
N ILE C 37 15.16 0.64 3.27
CA ILE C 37 16.20 1.57 3.66
C ILE C 37 17.20 1.71 2.52
N GLU C 38 17.26 2.91 1.95
CA GLU C 38 18.32 3.38 1.09
C GLU C 38 19.59 2.58 1.31
N ASP C 39 19.94 1.75 0.32
CA ASP C 39 21.17 0.96 0.35
C ASP C 39 21.11 -0.08 1.48
N SER C 40 20.00 -0.83 1.51
CA SER C 40 19.93 -2.14 2.13
C SER C 40 20.34 -3.23 1.15
N TYR C 41 20.93 -2.84 0.02
CA TYR C 41 21.33 -3.71 -1.07
C TYR C 41 22.70 -3.31 -1.60
N ARG C 42 23.46 -2.54 -0.82
CA ARG C 42 24.84 -2.18 -1.14
C ARG C 42 25.73 -2.61 0.02
N LYS C 43 26.86 -3.23 -0.32
CA LYS C 43 27.77 -3.72 0.71
C LYS C 43 29.21 -3.62 0.22
N GLN C 44 30.05 -3.01 1.04
CA GLN C 44 31.49 -2.95 0.77
C GLN C 44 32.14 -4.21 1.33
N VAL C 45 32.91 -4.90 0.49
CA VAL C 45 33.53 -6.17 0.83
C VAL C 45 34.97 -6.18 0.33
N VAL C 46 35.77 -7.07 0.89
CA VAL C 46 37.15 -7.31 0.47
C VAL C 46 37.23 -8.73 -0.09
N ILE C 47 37.54 -8.84 -1.37
CA ILE C 47 37.60 -10.12 -2.06
C ILE C 47 39.01 -10.30 -2.62
N ASP C 48 39.71 -11.33 -2.13
CA ASP C 48 41.11 -11.57 -2.51
C ASP C 48 41.96 -10.33 -2.25
N GLY C 49 41.67 -9.64 -1.16
CA GLY C 49 42.44 -8.48 -0.77
C GLY C 49 42.14 -7.19 -1.51
N GLU C 50 41.14 -7.17 -2.39
CA GLU C 50 40.78 -5.97 -3.13
C GLU C 50 39.39 -5.52 -2.69
N THR C 51 39.31 -4.29 -2.17
CA THR C 51 38.05 -3.76 -1.68
C THR C 51 37.15 -3.34 -2.84
N CYS C 52 35.89 -3.72 -2.78
CA CYS C 52 34.93 -3.34 -3.81
C CYS C 52 33.56 -3.13 -3.17
N LEU C 53 32.64 -2.59 -3.98
CA LEU C 53 31.27 -2.32 -3.56
C LEU C 53 30.33 -3.20 -4.37
N LEU C 54 29.51 -3.99 -3.68
CA LEU C 54 28.50 -4.82 -4.34
C LEU C 54 27.17 -4.09 -4.35
N ASP C 55 26.56 -3.97 -5.53
CA ASP C 55 25.20 -3.45 -5.64
C ASP C 55 24.33 -4.60 -6.14
N ILE C 56 23.40 -5.07 -5.31
CA ILE C 56 22.66 -6.29 -5.60
C ILE C 56 21.21 -5.95 -5.90
N LEU C 57 20.75 -6.36 -7.08
CA LEU C 57 19.34 -6.24 -7.45
C LEU C 57 18.66 -7.59 -7.25
N ASP C 58 17.70 -7.65 -6.33
CA ASP C 58 16.89 -8.85 -6.10
C ASP C 58 15.44 -8.38 -6.11
N THR C 59 14.73 -8.65 -7.20
CA THR C 59 13.33 -8.25 -7.34
C THR C 59 12.38 -9.33 -6.84
N ALA C 60 12.83 -10.20 -5.94
CA ALA C 60 12.00 -11.24 -5.36
C ALA C 60 10.61 -10.71 -5.02
N GLY C 61 9.59 -11.45 -5.44
CA GLY C 61 8.21 -11.06 -5.28
C GLY C 61 7.57 -10.48 -6.53
N GLN C 62 8.37 -10.04 -7.50
CA GLN C 62 7.86 -9.49 -8.75
C GLN C 62 7.88 -10.50 -9.88
N GLU C 63 7.94 -11.80 -9.55
CA GLU C 63 8.12 -12.80 -10.61
C GLU C 63 6.98 -12.78 -11.62
N GLU C 64 5.76 -12.39 -11.22
CA GLU C 64 4.66 -12.39 -12.17
C GLU C 64 4.77 -11.27 -13.21
N TYR C 65 5.58 -10.23 -12.94
CA TYR C 65 5.83 -9.18 -13.94
C TYR C 65 6.89 -9.70 -14.93
N SER C 66 6.50 -10.71 -15.70
CA SER C 66 7.47 -11.41 -16.53
C SER C 66 8.01 -10.54 -17.67
N ALA C 67 7.27 -9.53 -18.11
CA ALA C 67 7.76 -8.70 -19.20
C ALA C 67 8.74 -7.63 -18.71
N MET C 68 8.99 -7.56 -17.40
CA MET C 68 10.00 -6.66 -16.88
C MET C 68 11.35 -7.34 -16.69
N ARG C 69 11.44 -8.65 -16.88
CA ARG C 69 12.71 -9.34 -16.62
C ARG C 69 13.83 -8.79 -17.47
N ASP C 70 13.58 -8.55 -18.76
CA ASP C 70 14.62 -8.03 -19.64
C ASP C 70 15.22 -6.75 -19.08
N GLN C 71 14.37 -5.82 -18.74
CA GLN C 71 14.81 -4.58 -18.20
C GLN C 71 15.65 -4.71 -16.94
N TYR C 72 15.17 -5.47 -15.97
CA TYR C 72 15.94 -5.70 -14.75
C TYR C 72 17.28 -6.36 -15.06
N MET C 73 17.27 -7.39 -15.91
CA MET C 73 18.50 -8.13 -16.20
C MET C 73 19.53 -7.26 -16.89
N ARG C 74 19.07 -6.34 -17.75
CA ARG C 74 19.97 -5.47 -18.51
C ARG C 74 20.89 -4.68 -17.59
N THR C 75 20.44 -4.36 -16.37
CA THR C 75 21.26 -3.56 -15.45
C THR C 75 22.48 -4.31 -14.92
N GLY C 76 22.56 -5.63 -15.08
CA GLY C 76 23.55 -6.42 -14.39
C GLY C 76 24.81 -6.73 -15.18
N GLU C 77 25.95 -6.80 -14.47
CA GLU C 77 27.19 -7.32 -15.03
C GLU C 77 27.42 -8.80 -14.71
N GLY C 78 26.84 -9.28 -13.62
CA GLY C 78 26.96 -10.69 -13.24
C GLY C 78 25.68 -11.14 -12.58
N PHE C 79 25.41 -12.45 -12.68
CA PHE C 79 24.09 -12.99 -12.31
C PHE C 79 24.22 -14.21 -11.42
N LEU C 80 23.37 -14.26 -10.39
CA LEU C 80 23.20 -15.46 -9.57
C LEU C 80 21.89 -16.09 -10.00
N CYS C 81 21.97 -17.29 -10.59
CA CYS C 81 20.78 -18.05 -11.00
C CYS C 81 20.46 -19.05 -9.91
N VAL C 82 19.35 -18.83 -9.20
CA VAL C 82 19.04 -19.52 -7.94
C VAL C 82 17.87 -20.46 -8.14
N PHE C 83 18.01 -21.71 -7.68
CA PHE C 83 16.89 -22.64 -7.58
C PHE C 83 16.89 -23.19 -6.16
N ALA C 84 15.77 -23.80 -5.77
CA ALA C 84 15.63 -24.43 -4.46
C ALA C 84 15.87 -25.93 -4.60
N ILE C 85 16.70 -26.50 -3.71
CA ILE C 85 17.06 -27.91 -3.85
C ILE C 85 15.90 -28.84 -3.55
N ASN C 86 14.79 -28.33 -3.02
CA ASN C 86 13.60 -29.16 -2.85
C ASN C 86 12.49 -28.82 -3.84
N ASN C 87 12.81 -28.16 -4.95
CA ASN C 87 11.80 -27.80 -5.95
C ASN C 87 12.37 -28.05 -7.34
N THR C 88 12.06 -29.21 -7.92
N THR C 88 12.06 -29.21 -7.92
CA THR C 88 12.65 -29.58 -9.20
CA THR C 88 12.66 -29.58 -9.20
C THR C 88 12.27 -28.59 -10.30
C THR C 88 12.25 -28.62 -10.32
N LYS C 89 11.04 -28.08 -10.26
CA LYS C 89 10.63 -27.11 -11.30
C LYS C 89 11.55 -25.90 -11.32
N SER C 90 11.89 -25.35 -10.14
CA SER C 90 12.80 -24.20 -10.11
C SER C 90 14.16 -24.54 -10.71
N PHE C 91 14.59 -25.79 -10.58
CA PHE C 91 15.84 -26.24 -11.19
C PHE C 91 15.69 -26.34 -12.70
N GLU C 92 14.55 -26.87 -13.16
CA GLU C 92 14.30 -26.98 -14.60
C GLU C 92 14.14 -25.61 -15.25
N ASP C 93 13.74 -24.58 -14.48
CA ASP C 93 13.65 -23.21 -15.00
C ASP C 93 15.01 -22.59 -15.33
N ILE C 94 16.11 -23.15 -14.82
CA ILE C 94 17.39 -22.46 -14.91
C ILE C 94 17.81 -22.26 -16.37
N HIS C 95 17.64 -23.29 -17.20
CA HIS C 95 18.04 -23.19 -18.60
C HIS C 95 17.47 -21.93 -19.25
N GLN C 96 16.17 -21.68 -19.04
CA GLN C 96 15.54 -20.54 -19.70
C GLN C 96 16.01 -19.20 -19.11
N TYR C 97 16.25 -19.13 -17.80
CA TYR C 97 16.85 -17.92 -17.24
C TYR C 97 18.20 -17.62 -17.88
N ARG C 98 19.04 -18.65 -18.03
CA ARG C 98 20.36 -18.43 -18.63
C ARG C 98 20.23 -17.98 -20.07
N GLU C 99 19.34 -18.62 -20.83
CA GLU C 99 19.15 -18.21 -22.22
C GLU C 99 18.67 -16.78 -22.30
N GLN C 100 17.78 -16.38 -21.39
CA GLN C 100 17.28 -15.02 -21.40
C GLN C 100 18.37 -14.01 -21.07
N ILE C 101 19.24 -14.33 -20.10
CA ILE C 101 20.36 -13.46 -19.76
C ILE C 101 21.29 -13.26 -20.95
N LYS C 102 21.62 -14.35 -21.64
CA LYS C 102 22.49 -14.26 -22.82
C LYS C 102 21.89 -13.37 -23.88
N ARG C 103 20.58 -13.46 -24.08
CA ARG C 103 19.94 -12.63 -25.11
C ARG C 103 19.93 -11.17 -24.69
N VAL C 104 19.58 -10.89 -23.44
CA VAL C 104 19.51 -9.52 -22.96
C VAL C 104 20.87 -8.85 -23.02
N LYS C 105 21.93 -9.56 -22.63
CA LYS C 105 23.28 -9.00 -22.64
C LYS C 105 23.95 -9.14 -24.00
N ASP C 106 23.32 -9.85 -24.95
CA ASP C 106 23.86 -10.04 -26.29
C ASP C 106 25.27 -10.62 -26.24
N SER C 107 25.43 -11.68 -25.45
CA SER C 107 26.72 -12.33 -25.29
C SER C 107 26.51 -13.79 -24.94
N ASP C 108 27.39 -14.66 -25.43
CA ASP C 108 27.33 -16.06 -25.05
C ASP C 108 28.15 -16.35 -23.81
N ASP C 109 28.85 -15.35 -23.26
CA ASP C 109 29.75 -15.55 -22.12
C ASP C 109 29.50 -14.45 -21.09
N VAL C 110 28.41 -14.59 -20.34
CA VAL C 110 28.02 -13.63 -19.31
C VAL C 110 28.42 -14.19 -17.95
N PRO C 111 29.11 -13.43 -17.11
CA PRO C 111 29.48 -13.94 -15.78
C PRO C 111 28.25 -14.35 -14.99
N MET C 112 28.24 -15.61 -14.53
CA MET C 112 27.11 -16.07 -13.74
C MET C 112 27.51 -17.29 -12.94
N VAL C 113 26.74 -17.54 -11.88
CA VAL C 113 26.94 -18.70 -11.01
C VAL C 113 25.59 -19.36 -10.83
N LEU C 114 25.61 -20.68 -10.67
CA LEU C 114 24.43 -21.47 -10.35
C LEU C 114 24.40 -21.66 -8.85
N VAL C 115 23.27 -21.34 -8.22
CA VAL C 115 23.14 -21.42 -6.76
C VAL C 115 22.00 -22.36 -6.41
N GLY C 116 22.29 -23.38 -5.62
CA GLY C 116 21.28 -24.28 -5.10
C GLY C 116 21.01 -23.92 -3.65
N ASN C 117 19.78 -23.55 -3.35
CA ASN C 117 19.41 -22.94 -2.09
C ASN C 117 18.56 -23.89 -1.25
N LYS C 118 18.99 -24.15 -0.02
N LYS C 118 18.99 -24.18 -0.03
CA LYS C 118 18.25 -24.99 0.93
CA LYS C 118 18.22 -25.00 0.89
C LYS C 118 17.38 -24.06 1.76
C LYS C 118 17.37 -24.07 1.74
N CYS C 119 16.08 -23.98 1.43
CA CYS C 119 15.22 -22.99 2.04
C CYS C 119 14.40 -23.52 3.20
N ASP C 120 14.40 -24.82 3.45
CA ASP C 120 13.68 -25.42 4.58
C ASP C 120 14.17 -26.86 4.74
N LEU C 121 13.47 -27.64 5.56
CA LEU C 121 13.87 -29.00 5.87
C LEU C 121 13.05 -30.03 5.10
N ALA C 122 12.18 -29.58 4.19
CA ALA C 122 11.52 -30.49 3.27
C ALA C 122 12.56 -31.23 2.44
N ALA C 123 12.17 -32.41 1.96
CA ALA C 123 13.14 -33.34 1.39
C ALA C 123 13.76 -32.77 0.13
N ARG C 124 15.08 -32.91 0.01
CA ARG C 124 15.77 -32.48 -1.19
C ARG C 124 15.31 -33.33 -2.38
N THR C 125 15.05 -32.67 -3.53
CA THR C 125 14.70 -33.40 -4.73
C THR C 125 15.70 -33.22 -5.86
N VAL C 126 16.62 -32.27 -5.74
CA VAL C 126 17.70 -32.06 -6.72
C VAL C 126 19.00 -32.44 -6.03
N GLU C 127 19.64 -33.52 -6.47
CA GLU C 127 20.91 -33.93 -5.88
C GLU C 127 22.05 -33.03 -6.36
N SER C 128 23.07 -32.92 -5.50
N SER C 128 23.09 -32.92 -5.53
CA SER C 128 24.28 -32.14 -5.81
CA SER C 128 24.20 -32.05 -5.90
C SER C 128 24.83 -32.50 -7.17
C SER C 128 24.88 -32.50 -7.19
N ARG C 129 24.92 -33.80 -7.46
CA ARG C 129 25.52 -34.26 -8.71
C ARG C 129 24.76 -33.74 -9.92
N GLN C 130 23.41 -33.73 -9.85
CA GLN C 130 22.62 -33.19 -10.96
C GLN C 130 22.97 -31.74 -11.23
N ALA C 131 23.08 -30.93 -10.17
CA ALA C 131 23.34 -29.51 -10.36
C ALA C 131 24.79 -29.26 -10.77
N GLN C 132 25.74 -30.05 -10.22
CA GLN C 132 27.12 -29.95 -10.69
C GLN C 132 27.22 -30.27 -12.17
N ASP C 133 26.54 -31.32 -12.63
CA ASP C 133 26.58 -31.64 -14.05
C ASP C 133 26.00 -30.52 -14.90
N LEU C 134 24.89 -29.91 -14.45
CA LEU C 134 24.30 -28.80 -15.20
C LEU C 134 25.28 -27.63 -15.29
N ALA C 135 25.85 -27.23 -14.15
CA ALA C 135 26.82 -26.12 -14.13
C ALA C 135 28.01 -26.42 -15.03
N ARG C 136 28.53 -27.65 -14.98
CA ARG C 136 29.68 -27.98 -15.84
C ARG C 136 29.29 -27.89 -17.31
N SER C 137 28.07 -28.30 -17.66
CA SER C 137 27.65 -28.21 -19.06
C SER C 137 27.59 -26.75 -19.52
N TYR C 138 27.36 -25.82 -18.61
CA TYR C 138 27.35 -24.40 -18.91
C TYR C 138 28.71 -23.73 -18.76
N GLY C 139 29.69 -24.40 -18.17
CA GLY C 139 30.95 -23.76 -17.88
C GLY C 139 30.91 -22.75 -16.74
N ILE C 140 30.08 -22.96 -15.72
CA ILE C 140 29.95 -21.97 -14.65
C ILE C 140 30.06 -22.67 -13.30
N PRO C 141 30.39 -21.92 -12.24
CA PRO C 141 30.50 -22.53 -10.91
C PRO C 141 29.14 -22.87 -10.33
N TYR C 142 29.14 -23.82 -9.40
CA TYR C 142 27.96 -24.19 -8.62
C TYR C 142 28.26 -24.02 -7.15
N ILE C 143 27.37 -23.32 -6.43
CA ILE C 143 27.50 -23.10 -4.98
C ILE C 143 26.19 -23.49 -4.33
N GLU C 144 26.24 -24.23 -3.22
CA GLU C 144 25.04 -24.51 -2.46
C GLU C 144 25.01 -23.66 -1.20
N THR C 145 23.82 -23.18 -0.84
CA THR C 145 23.68 -22.25 0.27
C THR C 145 22.54 -22.69 1.18
N SER C 146 22.64 -22.30 2.45
CA SER C 146 21.53 -22.50 3.38
C SER C 146 20.83 -21.16 3.60
N ALA C 147 19.49 -21.18 3.54
CA ALA C 147 18.70 -19.99 3.78
C ALA C 147 18.58 -19.65 5.26
N LYS C 148 19.12 -20.49 6.15
CA LYS C 148 18.99 -20.27 7.58
C LYS C 148 20.30 -20.13 8.35
N THR C 149 21.38 -20.74 7.88
CA THR C 149 22.64 -20.75 8.64
C THR C 149 23.69 -19.82 8.05
N ARG C 150 23.39 -19.19 6.91
CA ARG C 150 24.28 -18.34 6.13
C ARG C 150 25.41 -19.12 5.45
N GLN C 151 25.45 -20.45 5.58
CA GLN C 151 26.51 -21.21 4.90
C GLN C 151 26.40 -21.04 3.39
N GLY C 152 27.55 -20.86 2.74
CA GLY C 152 27.60 -20.74 1.29
C GLY C 152 27.29 -19.35 0.74
N VAL C 153 26.74 -18.44 1.56
CA VAL C 153 26.25 -17.18 1.03
C VAL C 153 27.40 -16.30 0.54
N GLU C 154 28.43 -16.12 1.36
N GLU C 154 28.43 -16.11 1.36
CA GLU C 154 29.59 -15.33 0.91
CA GLU C 154 29.59 -15.34 0.92
C GLU C 154 30.26 -15.98 -0.29
C GLU C 154 30.25 -15.98 -0.29
N ASP C 155 30.38 -17.31 -0.28
CA ASP C 155 30.99 -18.03 -1.40
C ASP C 155 30.24 -17.77 -2.71
N ALA C 156 28.91 -17.75 -2.67
CA ALA C 156 28.14 -17.52 -3.89
C ALA C 156 28.46 -16.16 -4.50
N PHE C 157 28.43 -15.10 -3.67
CA PHE C 157 28.68 -13.75 -4.17
C PHE C 157 30.15 -13.54 -4.54
N TYR C 158 31.07 -13.99 -3.69
CA TYR C 158 32.49 -13.78 -4.02
C TYR C 158 32.91 -14.56 -5.26
N THR C 159 32.38 -15.78 -5.42
CA THR C 159 32.66 -16.54 -6.63
C THR C 159 32.19 -15.79 -7.87
N LEU C 160 31.00 -15.18 -7.80
CA LEU C 160 30.51 -14.41 -8.94
C LEU C 160 31.41 -13.21 -9.24
N VAL C 161 31.86 -12.51 -8.19
CA VAL C 161 32.76 -11.38 -8.43
C VAL C 161 34.05 -11.86 -9.10
N ARG C 162 34.57 -13.02 -8.69
CA ARG C 162 35.77 -13.56 -9.35
C ARG C 162 35.50 -13.90 -10.81
N GLU C 163 34.28 -14.37 -11.12
CA GLU C 163 33.93 -14.61 -12.53
C GLU C 163 33.95 -13.31 -13.33
N ILE C 164 33.46 -12.22 -12.74
CA ILE C 164 33.51 -10.93 -13.42
C ILE C 164 34.97 -10.49 -13.60
N ARG C 165 35.75 -10.55 -12.52
CA ARG C 165 37.14 -10.10 -12.60
C ARG C 165 37.93 -10.88 -13.63
N GLN C 166 37.63 -12.17 -13.81
CA GLN C 166 38.38 -13.03 -14.69
C GLN C 166 37.74 -13.19 -16.06
N HIS C 167 36.70 -12.41 -16.36
CA HIS C 167 36.03 -12.54 -17.66
C HIS C 167 36.98 -12.21 -18.81
#